data_2ANE
#
_entry.id   2ANE
#
_cell.length_a   90.610
_cell.length_b   53.445
_cell.length_c   111.973
_cell.angle_alpha   90.00
_cell.angle_beta   107.50
_cell.angle_gamma   90.00
#
_symmetry.space_group_name_H-M   'P 1 21 1'
#
loop_
_entity.id
_entity.type
_entity.pdbx_description
1 polymer 'ATP-dependent protease La'
2 water water
#
_entity_poly.entity_id   1
_entity_poly.type   'polypeptide(L)'
_entity_poly.pdbx_seq_one_letter_code
;MHHHHHHMNPERSERIEIPVLPLRDVVVYPHMVIPLFVGREKSIRCLEAAMDHDKKIMLVAQKEASTDEPGVNDLFTVGT
VASILQMLKLPDGTVKVLVEGLQRARISALSDNGEHFSAKAEYLE
;
_entity_poly.pdbx_strand_id   A,B,C,D,E,F,G,H
#
# COMPACT_ATOMS: atom_id res chain seq x y z
N ARG A 15 -35.77 10.79 -11.97
CA ARG A 15 -36.88 10.02 -12.58
C ARG A 15 -36.74 9.89 -14.09
N ILE A 16 -36.97 8.69 -14.60
CA ILE A 16 -36.84 8.45 -16.04
C ILE A 16 -37.98 7.60 -16.59
N GLU A 17 -38.08 7.54 -17.92
CA GLU A 17 -39.05 6.69 -18.59
C GLU A 17 -38.11 5.83 -19.44
N ILE A 18 -38.21 4.51 -19.35
CA ILE A 18 -37.24 3.65 -20.08
C ILE A 18 -37.85 2.29 -20.51
N PRO A 19 -37.41 1.76 -21.67
CA PRO A 19 -37.88 0.45 -22.20
C PRO A 19 -37.44 -0.64 -21.22
N VAL A 20 -38.33 -1.60 -21.00
CA VAL A 20 -38.09 -2.70 -20.07
C VAL A 20 -37.91 -4.02 -20.83
N LEU A 21 -36.80 -4.70 -20.53
CA LEU A 21 -36.51 -6.00 -21.13
C LEU A 21 -36.64 -7.04 -20.01
N PRO A 22 -37.59 -7.96 -20.17
CA PRO A 22 -37.72 -8.98 -19.13
C PRO A 22 -36.66 -10.07 -19.27
N LEU A 23 -36.10 -10.46 -18.14
CA LEU A 23 -35.09 -11.50 -18.04
C LEU A 23 -35.65 -12.65 -17.19
N ARG A 24 -35.61 -13.84 -17.76
CA ARG A 24 -36.13 -15.05 -17.12
C ARG A 24 -34.98 -15.86 -16.49
N ASP A 25 -33.94 -16.08 -17.28
CA ASP A 25 -32.81 -16.91 -16.85
C ASP A 25 -31.67 -16.38 -15.98
N VAL A 26 -31.41 -15.09 -16.09
CA VAL A 26 -30.32 -14.46 -15.35
C VAL A 26 -30.73 -13.16 -14.65
N VAL A 27 -29.89 -12.71 -13.73
CA VAL A 27 -30.15 -11.45 -13.02
C VAL A 27 -28.86 -10.65 -13.26
N VAL A 28 -28.99 -9.41 -13.72
CA VAL A 28 -27.83 -8.55 -14.03
C VAL A 28 -27.80 -7.41 -13.01
N TYR A 29 -26.63 -7.13 -12.47
CA TYR A 29 -26.49 -6.06 -11.50
C TYR A 29 -25.54 -5.00 -12.02
N PRO A 30 -25.46 -3.84 -11.33
CA PRO A 30 -24.56 -2.79 -11.76
C PRO A 30 -23.14 -3.36 -11.85
N HIS A 31 -22.42 -2.90 -12.85
CA HIS A 31 -21.04 -3.31 -13.16
C HIS A 31 -20.90 -4.67 -13.89
N MET A 32 -21.95 -5.45 -13.99
CA MET A 32 -21.81 -6.74 -14.69
C MET A 32 -21.92 -6.51 -16.20
N VAL A 33 -21.04 -7.11 -17.00
CA VAL A 33 -21.15 -6.97 -18.45
C VAL A 33 -21.53 -8.39 -18.88
N ILE A 34 -22.56 -8.51 -19.71
CA ILE A 34 -23.03 -9.82 -20.14
C ILE A 34 -23.68 -9.82 -21.53
N PRO A 35 -23.32 -10.83 -22.34
CA PRO A 35 -23.89 -10.94 -23.67
C PRO A 35 -25.25 -11.61 -23.46
N LEU A 36 -26.33 -10.97 -23.89
CA LEU A 36 -27.64 -11.58 -23.72
C LEU A 36 -28.15 -12.03 -25.09
N PHE A 37 -29.11 -12.94 -25.09
CA PHE A 37 -29.68 -13.45 -26.34
C PHE A 37 -31.16 -13.11 -26.33
N VAL A 38 -31.69 -12.55 -27.41
CA VAL A 38 -33.11 -12.19 -27.45
C VAL A 38 -33.78 -12.82 -28.70
N GLY A 39 -34.90 -13.51 -28.50
CA GLY A 39 -35.56 -14.19 -29.62
C GLY A 39 -37.03 -13.90 -29.82
N ARG A 40 -37.51 -12.86 -29.15
CA ARG A 40 -38.91 -12.48 -29.26
C ARG A 40 -38.99 -11.05 -29.80
N GLU A 41 -39.90 -10.85 -30.74
CA GLU A 41 -40.06 -9.56 -31.41
C GLU A 41 -40.37 -8.39 -30.50
N LYS A 42 -41.22 -8.59 -29.52
CA LYS A 42 -41.56 -7.49 -28.64
C LYS A 42 -40.26 -7.03 -27.94
N SER A 43 -39.44 -7.99 -27.51
CA SER A 43 -38.20 -7.63 -26.82
C SER A 43 -37.23 -6.95 -27.80
N ILE A 44 -37.28 -7.36 -29.06
CA ILE A 44 -36.41 -6.73 -30.06
C ILE A 44 -36.84 -5.28 -30.18
N ARG A 45 -38.14 -5.04 -30.21
CA ARG A 45 -38.61 -3.66 -30.31
C ARG A 45 -38.14 -2.82 -29.10
N CYS A 46 -38.15 -3.43 -27.92
CA CYS A 46 -37.73 -2.74 -26.71
C CYS A 46 -36.26 -2.35 -26.85
N LEU A 47 -35.43 -3.24 -27.40
CA LEU A 47 -34.04 -2.95 -27.58
C LEU A 47 -33.87 -1.79 -28.54
N GLU A 48 -34.72 -1.76 -29.55
CA GLU A 48 -34.63 -0.71 -30.55
C GLU A 48 -35.08 0.63 -30.01
N ALA A 49 -36.10 0.61 -29.16
CA ALA A 49 -36.55 1.84 -28.56
C ALA A 49 -35.38 2.41 -27.79
N ALA A 50 -34.66 1.58 -27.06
CA ALA A 50 -33.55 2.15 -26.30
C ALA A 50 -32.52 2.76 -27.26
N MET A 51 -32.18 1.97 -28.29
CA MET A 51 -31.20 2.37 -29.30
C MET A 51 -31.57 3.71 -29.92
N ASP A 52 -32.86 4.01 -30.02
CA ASP A 52 -33.29 5.26 -30.62
C ASP A 52 -33.29 6.40 -29.62
N HIS A 53 -32.65 6.19 -28.48
CA HIS A 53 -32.64 7.24 -27.50
C HIS A 53 -31.23 7.45 -26.93
N ASP A 54 -30.88 6.64 -25.93
CA ASP A 54 -29.59 6.75 -25.27
C ASP A 54 -28.95 5.39 -24.97
N LYS A 55 -29.47 4.33 -25.59
CA LYS A 55 -28.96 2.95 -25.39
C LYS A 55 -29.14 2.44 -23.98
N LYS A 56 -30.03 3.08 -23.22
CA LYS A 56 -30.27 2.65 -21.86
C LYS A 56 -31.54 1.82 -21.84
N ILE A 57 -31.45 0.65 -21.21
CA ILE A 57 -32.62 -0.22 -21.15
C ILE A 57 -32.73 -0.74 -19.72
N MET A 58 -33.94 -0.97 -19.26
CA MET A 58 -34.09 -1.48 -17.93
C MET A 58 -34.33 -3.02 -17.87
N LEU A 59 -33.41 -3.73 -17.25
CA LEU A 59 -33.44 -5.17 -17.12
C LEU A 59 -34.31 -5.52 -15.91
N VAL A 60 -35.40 -6.27 -16.15
CA VAL A 60 -36.29 -6.61 -15.04
C VAL A 60 -36.56 -8.10 -14.95
N ALA A 61 -36.43 -8.65 -13.76
CA ALA A 61 -36.66 -10.08 -13.63
C ALA A 61 -38.14 -10.42 -13.73
N GLN A 62 -38.42 -11.64 -14.22
CA GLN A 62 -39.76 -12.19 -14.35
C GLN A 62 -40.09 -12.97 -13.06
N LYS A 63 -41.36 -13.04 -12.70
CA LYS A 63 -41.80 -13.74 -11.49
C LYS A 63 -41.95 -15.27 -11.68
N GLU A 64 -41.71 -15.98 -10.59
CA GLU A 64 -41.82 -17.43 -10.49
C GLU A 64 -42.07 -18.23 -11.75
N ALA A 65 -43.33 -18.53 -12.01
CA ALA A 65 -43.70 -19.36 -13.16
C ALA A 65 -44.39 -18.68 -14.33
N SER A 66 -44.05 -17.44 -14.59
CA SER A 66 -44.62 -16.69 -15.71
C SER A 66 -44.12 -17.29 -17.03
N THR A 67 -44.89 -17.15 -18.09
CA THR A 67 -44.50 -17.73 -19.39
C THR A 67 -43.48 -16.87 -20.14
N ASP A 68 -43.29 -17.15 -21.42
CA ASP A 68 -42.37 -16.31 -22.17
C ASP A 68 -43.08 -15.12 -22.72
N GLU A 69 -44.38 -15.05 -22.45
CA GLU A 69 -45.20 -13.90 -22.91
C GLU A 69 -45.72 -13.30 -21.62
N PRO A 70 -44.84 -12.72 -20.80
CA PRO A 70 -45.30 -12.13 -19.51
C PRO A 70 -46.20 -10.96 -19.62
N GLY A 71 -47.09 -10.79 -18.64
CA GLY A 71 -47.97 -9.62 -18.60
C GLY A 71 -47.30 -8.60 -17.65
N VAL A 72 -47.78 -7.36 -17.54
CA VAL A 72 -47.06 -6.44 -16.64
C VAL A 72 -47.01 -6.93 -15.20
N ASN A 73 -48.02 -7.68 -14.78
CA ASN A 73 -48.01 -8.15 -13.43
C ASN A 73 -47.07 -9.30 -13.17
N ASP A 74 -46.45 -9.80 -14.25
CA ASP A 74 -45.50 -10.90 -14.16
C ASP A 74 -44.04 -10.46 -13.94
N LEU A 75 -43.82 -9.16 -13.94
CA LEU A 75 -42.48 -8.59 -13.78
C LEU A 75 -42.24 -7.99 -12.39
N PHE A 76 -40.97 -7.98 -11.94
CA PHE A 76 -40.57 -7.39 -10.66
C PHE A 76 -40.72 -5.88 -10.70
N THR A 77 -40.68 -5.22 -9.55
CA THR A 77 -40.89 -3.76 -9.54
C THR A 77 -39.61 -2.97 -9.32
N VAL A 78 -38.51 -3.68 -9.53
CA VAL A 78 -37.18 -3.14 -9.39
C VAL A 78 -36.39 -3.81 -10.53
N GLY A 79 -35.34 -3.15 -11.00
CA GLY A 79 -34.50 -3.66 -12.08
C GLY A 79 -33.13 -2.98 -12.10
N THR A 80 -32.35 -3.28 -13.13
CA THR A 80 -31.01 -2.71 -13.30
C THR A 80 -31.02 -1.96 -14.65
N VAL A 81 -30.79 -0.65 -14.57
CA VAL A 81 -30.71 0.11 -15.79
C VAL A 81 -29.35 -0.27 -16.38
N ALA A 82 -29.31 -0.60 -17.67
CA ALA A 82 -28.04 -0.99 -18.28
C ALA A 82 -27.86 -0.26 -19.59
N SER A 83 -26.61 -0.21 -20.04
CA SER A 83 -26.31 0.38 -21.31
C SER A 83 -26.07 -0.72 -22.37
N ILE A 84 -26.60 -0.50 -23.56
CA ILE A 84 -26.38 -1.44 -24.65
C ILE A 84 -25.05 -1.10 -25.28
N LEU A 85 -24.04 -1.95 -25.05
CA LEU A 85 -22.70 -1.78 -25.60
C LEU A 85 -22.58 -2.25 -27.05
N GLN A 86 -23.38 -3.25 -27.41
CA GLN A 86 -23.34 -3.78 -28.76
C GLN A 86 -24.63 -4.55 -29.09
N MET A 87 -25.08 -4.45 -30.32
CA MET A 87 -26.30 -5.15 -30.70
C MET A 87 -26.14 -5.65 -32.11
N LEU A 88 -26.40 -6.94 -32.32
CA LEU A 88 -26.27 -7.54 -33.65
C LEU A 88 -27.53 -8.34 -33.96
N LYS A 89 -28.18 -8.04 -35.06
CA LYS A 89 -29.39 -8.76 -35.43
C LYS A 89 -29.01 -9.86 -36.42
N LEU A 90 -29.18 -11.11 -36.03
CA LEU A 90 -28.83 -12.19 -36.91
C LEU A 90 -29.90 -12.36 -38.00
N PRO A 91 -29.52 -12.95 -39.15
CA PRO A 91 -30.50 -13.13 -40.24
C PRO A 91 -31.71 -13.96 -39.79
N ASP A 92 -31.45 -14.92 -38.91
CA ASP A 92 -32.50 -15.79 -38.42
C ASP A 92 -33.59 -15.14 -37.56
N GLY A 93 -33.59 -13.81 -37.47
CA GLY A 93 -34.59 -13.11 -36.66
C GLY A 93 -34.32 -13.06 -35.14
N THR A 94 -33.11 -13.44 -34.74
CA THR A 94 -32.72 -13.49 -33.34
C THR A 94 -31.74 -12.32 -33.12
N VAL A 95 -31.55 -11.86 -31.88
CA VAL A 95 -30.63 -10.74 -31.61
C VAL A 95 -29.58 -11.05 -30.51
N LYS A 96 -28.37 -10.51 -30.64
CA LYS A 96 -27.33 -10.73 -29.64
C LYS A 96 -26.99 -9.33 -29.17
N VAL A 97 -27.19 -9.07 -27.87
CA VAL A 97 -26.99 -7.72 -27.35
C VAL A 97 -26.10 -7.78 -26.11
N LEU A 98 -25.03 -7.02 -26.16
CA LEU A 98 -24.06 -6.95 -25.09
C LEU A 98 -24.46 -5.77 -24.15
N VAL A 99 -24.74 -6.05 -22.89
CA VAL A 99 -25.17 -4.97 -21.97
C VAL A 99 -24.23 -4.79 -20.75
N GLU A 100 -24.24 -3.60 -20.19
CA GLU A 100 -23.44 -3.35 -19.00
C GLU A 100 -24.38 -2.77 -17.98
N GLY A 101 -24.53 -3.42 -16.82
CA GLY A 101 -25.43 -2.84 -15.79
C GLY A 101 -24.82 -1.57 -15.19
N LEU A 102 -25.62 -0.52 -15.09
CA LEU A 102 -25.13 0.76 -14.55
C LEU A 102 -25.59 1.04 -13.13
N GLN A 103 -26.90 0.95 -12.90
CA GLN A 103 -27.43 1.27 -11.58
C GLN A 103 -28.81 0.69 -11.46
N ARG A 104 -29.22 0.39 -10.24
CA ARG A 104 -30.55 -0.13 -10.00
C ARG A 104 -31.58 0.98 -9.99
N ALA A 105 -32.84 0.64 -10.25
CA ALA A 105 -33.92 1.63 -10.23
C ALA A 105 -35.19 0.97 -9.78
N ARG A 106 -36.12 1.77 -9.29
CA ARG A 106 -37.40 1.34 -8.77
C ARG A 106 -38.42 1.73 -9.83
N ILE A 107 -39.35 0.84 -10.11
CA ILE A 107 -40.39 1.10 -11.10
C ILE A 107 -41.65 1.57 -10.37
N SER A 108 -42.16 2.75 -10.71
CA SER A 108 -43.37 3.26 -10.08
C SER A 108 -44.59 2.87 -10.92
N ALA A 109 -44.35 2.74 -12.22
CA ALA A 109 -45.40 2.37 -13.18
C ALA A 109 -44.79 1.57 -14.33
N LEU A 110 -45.32 0.38 -14.58
CA LEU A 110 -44.86 -0.47 -15.69
C LEU A 110 -46.03 -0.55 -16.64
N SER A 111 -45.78 -0.30 -17.91
CA SER A 111 -46.85 -0.34 -18.87
C SER A 111 -46.41 -1.11 -20.10
N ASP A 112 -47.41 -1.50 -20.86
CA ASP A 112 -47.19 -2.22 -22.09
C ASP A 112 -47.90 -1.29 -23.03
N ASN A 113 -47.13 -0.54 -23.81
CA ASN A 113 -47.79 0.39 -24.71
C ASN A 113 -47.98 -0.11 -26.13
N GLY A 114 -48.16 -1.42 -26.28
CA GLY A 114 -48.41 -2.04 -27.56
C GLY A 114 -47.19 -2.52 -28.33
N GLU A 115 -46.09 -1.85 -28.13
CA GLU A 115 -44.89 -2.22 -28.84
C GLU A 115 -43.88 -2.98 -27.97
N HIS A 116 -43.79 -2.60 -26.70
CA HIS A 116 -42.86 -3.26 -25.78
C HIS A 116 -43.16 -2.70 -24.38
N PHE A 117 -42.56 -3.25 -23.34
CA PHE A 117 -42.78 -2.75 -21.99
C PHE A 117 -42.02 -1.43 -21.81
N SER A 118 -42.56 -0.57 -20.97
CA SER A 118 -41.97 0.73 -20.65
C SER A 118 -42.22 1.02 -19.19
N ALA A 119 -41.27 1.70 -18.56
CA ALA A 119 -41.40 1.98 -17.14
C ALA A 119 -40.94 3.37 -16.73
N LYS A 120 -41.71 3.98 -15.84
CA LYS A 120 -41.34 5.27 -15.24
C LYS A 120 -40.58 4.74 -14.05
N ALA A 121 -39.34 5.16 -13.87
CA ALA A 121 -38.58 4.63 -12.77
C ALA A 121 -37.69 5.65 -12.16
N GLU A 122 -37.27 5.39 -10.92
CA GLU A 122 -36.33 6.29 -10.25
C GLU A 122 -35.10 5.52 -9.79
N TYR A 123 -33.94 6.09 -10.02
CA TYR A 123 -32.72 5.42 -9.62
C TYR A 123 -32.69 5.24 -8.11
N LEU A 124 -32.04 4.16 -7.69
CA LEU A 124 -31.86 3.83 -6.28
C LEU A 124 -30.40 4.12 -6.00
N GLU B 17 -30.83 -39.62 -22.77
CA GLU B 17 -29.44 -39.62 -22.21
C GLU B 17 -29.11 -38.47 -21.24
N ILE B 18 -29.68 -37.29 -21.43
CA ILE B 18 -29.37 -36.19 -20.51
C ILE B 18 -30.53 -35.21 -20.43
N PRO B 19 -30.85 -34.74 -19.20
CA PRO B 19 -31.94 -33.78 -19.03
C PRO B 19 -31.59 -32.44 -19.70
N VAL B 20 -32.59 -31.82 -20.34
CA VAL B 20 -32.37 -30.59 -21.07
C VAL B 20 -33.03 -29.36 -20.49
N LEU B 21 -32.20 -28.36 -20.17
CA LEU B 21 -32.65 -27.07 -19.62
C LEU B 21 -32.61 -25.99 -20.70
N PRO B 22 -33.78 -25.60 -21.23
CA PRO B 22 -33.85 -24.57 -22.27
C PRO B 22 -33.63 -23.19 -21.65
N LEU B 23 -32.88 -22.36 -22.35
CA LEU B 23 -32.57 -20.99 -21.92
C LEU B 23 -32.91 -20.05 -23.05
N ARG B 24 -33.65 -19.05 -22.67
CA ARG B 24 -34.12 -18.04 -23.59
C ARG B 24 -33.19 -16.86 -23.74
N ASP B 25 -32.58 -16.48 -22.60
CA ASP B 25 -31.77 -15.26 -22.49
C ASP B 25 -30.25 -15.27 -22.57
N VAL B 26 -29.60 -16.43 -22.47
CA VAL B 26 -28.14 -16.48 -22.54
C VAL B 26 -27.69 -17.75 -23.26
N VAL B 27 -26.53 -17.66 -23.89
CA VAL B 27 -25.99 -18.80 -24.59
C VAL B 27 -24.74 -19.12 -23.78
N VAL B 28 -24.82 -20.19 -22.99
CA VAL B 28 -23.72 -20.61 -22.14
C VAL B 28 -22.76 -21.53 -22.86
N TYR B 29 -21.47 -21.24 -22.75
CA TYR B 29 -20.46 -22.07 -23.45
C TYR B 29 -19.55 -22.77 -22.46
N PRO B 30 -18.73 -23.74 -22.95
CA PRO B 30 -17.82 -24.47 -22.06
C PRO B 30 -16.95 -23.45 -21.33
N HIS B 31 -16.70 -23.75 -20.05
CA HIS B 31 -15.91 -22.97 -19.11
C HIS B 31 -16.64 -21.79 -18.50
N MET B 32 -17.80 -21.43 -19.03
CA MET B 32 -18.54 -20.32 -18.41
C MET B 32 -19.21 -20.78 -17.12
N VAL B 33 -19.14 -19.95 -16.08
CA VAL B 33 -19.81 -20.24 -14.80
C VAL B 33 -20.84 -19.10 -14.66
N ILE B 34 -22.07 -19.45 -14.32
CA ILE B 34 -23.09 -18.43 -14.21
C ILE B 34 -24.28 -18.89 -13.38
N PRO B 35 -24.90 -17.95 -12.67
CA PRO B 35 -26.05 -18.35 -11.85
C PRO B 35 -27.27 -18.31 -12.77
N LEU B 36 -28.11 -19.33 -12.75
CA LEU B 36 -29.33 -19.36 -13.56
C LEU B 36 -30.50 -19.35 -12.59
N PHE B 37 -31.61 -18.78 -13.02
CA PHE B 37 -32.78 -18.72 -12.16
C PHE B 37 -33.87 -19.49 -12.85
N VAL B 38 -34.45 -20.47 -12.18
CA VAL B 38 -35.43 -21.33 -12.81
C VAL B 38 -36.73 -21.35 -12.06
N GLY B 39 -37.77 -20.79 -12.69
CA GLY B 39 -39.08 -20.71 -12.08
C GLY B 39 -40.18 -21.59 -12.68
N ARG B 40 -39.91 -22.33 -13.74
CA ARG B 40 -40.91 -23.22 -14.34
C ARG B 40 -40.76 -24.59 -13.69
N GLU B 41 -41.85 -25.14 -13.17
CA GLU B 41 -41.85 -26.44 -12.49
C GLU B 41 -41.21 -27.50 -13.39
N LYS B 42 -41.58 -27.47 -14.66
CA LYS B 42 -40.99 -28.44 -15.60
C LYS B 42 -39.46 -28.31 -15.58
N SER B 43 -38.98 -27.06 -15.63
CA SER B 43 -37.54 -26.84 -15.61
C SER B 43 -36.94 -27.28 -14.28
N ILE B 44 -37.70 -27.08 -13.20
CA ILE B 44 -37.22 -27.47 -11.87
C ILE B 44 -37.09 -28.99 -11.84
N ARG B 45 -38.04 -29.67 -12.45
CA ARG B 45 -38.00 -31.13 -12.50
C ARG B 45 -36.77 -31.55 -13.25
N CYS B 46 -36.46 -30.80 -14.31
CA CYS B 46 -35.27 -31.08 -15.08
C CYS B 46 -34.01 -31.07 -14.21
N LEU B 47 -33.93 -30.07 -13.33
CA LEU B 47 -32.77 -29.96 -12.47
C LEU B 47 -32.70 -31.12 -11.49
N GLU B 48 -33.83 -31.43 -10.87
CA GLU B 48 -33.86 -32.53 -9.90
C GLU B 48 -33.34 -33.81 -10.55
N ALA B 49 -33.83 -34.08 -11.76
CA ALA B 49 -33.43 -35.25 -12.51
C ALA B 49 -31.92 -35.37 -12.68
N ALA B 50 -31.25 -34.23 -12.84
CA ALA B 50 -29.80 -34.26 -13.00
C ALA B 50 -29.11 -34.51 -11.65
N MET B 51 -29.69 -33.98 -10.59
CA MET B 51 -29.14 -34.16 -9.26
C MET B 51 -29.25 -35.61 -8.80
N ASP B 52 -30.19 -36.35 -9.37
CA ASP B 52 -30.38 -37.77 -9.04
C ASP B 52 -29.32 -38.58 -9.75
N HIS B 53 -28.87 -38.07 -10.88
CA HIS B 53 -27.85 -38.74 -11.67
C HIS B 53 -26.48 -38.14 -11.34
N ASP B 54 -25.73 -37.72 -12.35
CA ASP B 54 -24.40 -37.14 -12.10
C ASP B 54 -24.34 -35.61 -12.01
N LYS B 55 -25.47 -34.94 -11.81
CA LYS B 55 -25.53 -33.47 -11.69
C LYS B 55 -25.25 -32.69 -12.96
N LYS B 56 -25.26 -33.35 -14.10
CA LYS B 56 -25.03 -32.67 -15.36
C LYS B 56 -26.35 -32.42 -16.07
N ILE B 57 -26.47 -31.31 -16.81
CA ILE B 57 -27.68 -31.03 -17.58
C ILE B 57 -27.24 -30.44 -18.90
N MET B 58 -28.09 -30.52 -19.91
CA MET B 58 -27.68 -29.92 -21.16
C MET B 58 -28.40 -28.59 -21.33
N LEU B 59 -27.61 -27.52 -21.47
CA LEU B 59 -28.14 -26.17 -21.60
C LEU B 59 -28.31 -25.92 -23.08
N VAL B 60 -29.53 -25.61 -23.49
CA VAL B 60 -29.85 -25.39 -24.88
C VAL B 60 -30.64 -24.12 -25.10
N ALA B 61 -30.20 -23.34 -26.09
CA ALA B 61 -30.86 -22.10 -26.43
C ALA B 61 -32.21 -22.31 -27.06
N GLN B 62 -33.14 -21.38 -26.80
CA GLN B 62 -34.45 -21.45 -27.41
C GLN B 62 -34.39 -20.66 -28.71
N LYS B 63 -35.06 -21.17 -29.73
CA LYS B 63 -35.07 -20.46 -31.01
C LYS B 63 -36.08 -19.34 -30.96
N GLU B 64 -35.98 -18.42 -31.91
CA GLU B 64 -36.93 -17.32 -32.02
C GLU B 64 -38.33 -17.91 -31.85
N ALA B 65 -39.21 -17.20 -31.14
CA ALA B 65 -40.53 -17.77 -30.90
C ALA B 65 -41.57 -16.75 -30.47
N SER B 66 -42.81 -17.22 -30.36
CA SER B 66 -43.97 -16.43 -29.94
C SER B 66 -44.83 -17.18 -28.95
N THR B 67 -44.68 -18.49 -28.93
CA THR B 67 -45.49 -19.27 -28.02
C THR B 67 -45.07 -19.01 -26.59
N ASP B 68 -45.95 -19.38 -25.65
CA ASP B 68 -45.68 -19.22 -24.24
C ASP B 68 -44.47 -20.02 -23.78
N GLU B 69 -44.29 -21.24 -24.28
CA GLU B 69 -43.14 -22.05 -23.87
C GLU B 69 -42.67 -22.90 -25.04
N PRO B 70 -41.42 -23.35 -24.99
CA PRO B 70 -40.86 -24.16 -26.05
C PRO B 70 -41.37 -25.60 -25.99
N GLY B 71 -41.27 -26.28 -27.14
CA GLY B 71 -41.65 -27.68 -27.25
C GLY B 71 -40.43 -28.34 -27.86
N VAL B 72 -40.47 -29.65 -28.04
CA VAL B 72 -39.34 -30.37 -28.61
C VAL B 72 -38.83 -29.89 -29.97
N ASN B 73 -39.57 -29.05 -30.68
CA ASN B 73 -39.07 -28.58 -31.97
C ASN B 73 -38.55 -27.15 -31.91
N ASP B 74 -38.57 -26.58 -30.71
CA ASP B 74 -38.23 -25.17 -30.57
C ASP B 74 -36.89 -24.79 -29.96
N LEU B 75 -35.97 -25.74 -29.94
CA LEU B 75 -34.64 -25.51 -29.36
C LEU B 75 -33.60 -25.65 -30.44
N PHE B 76 -32.43 -25.08 -30.22
CA PHE B 76 -31.36 -25.24 -31.17
C PHE B 76 -30.83 -26.67 -31.04
N THR B 77 -29.99 -27.04 -31.99
CA THR B 77 -29.46 -28.40 -32.04
C THR B 77 -28.20 -28.65 -31.26
N VAL B 78 -27.39 -27.61 -31.12
CA VAL B 78 -26.15 -27.78 -30.35
C VAL B 78 -26.31 -27.04 -29.05
N GLY B 79 -25.90 -27.68 -27.95
CA GLY B 79 -26.00 -27.07 -26.64
C GLY B 79 -24.74 -27.31 -25.83
N THR B 80 -24.79 -27.01 -24.54
CA THR B 80 -23.62 -27.15 -23.69
C THR B 80 -23.94 -27.96 -22.43
N VAL B 81 -23.29 -29.11 -22.30
CA VAL B 81 -23.47 -29.93 -21.10
C VAL B 81 -22.78 -29.20 -19.95
N ALA B 82 -23.46 -29.02 -18.82
CA ALA B 82 -22.84 -28.30 -17.70
C ALA B 82 -23.11 -29.03 -16.41
N SER B 83 -22.30 -28.78 -15.38
CA SER B 83 -22.59 -29.39 -14.11
C SER B 83 -23.20 -28.39 -13.13
N ILE B 84 -24.13 -28.87 -12.29
CA ILE B 84 -24.77 -28.06 -11.26
C ILE B 84 -23.85 -28.04 -10.02
N LEU B 85 -23.32 -26.87 -9.70
CA LEU B 85 -22.41 -26.70 -8.60
C LEU B 85 -23.21 -26.50 -7.34
N GLN B 86 -24.37 -25.87 -7.45
CA GLN B 86 -25.21 -25.68 -6.30
C GLN B 86 -26.59 -25.21 -6.65
N MET B 87 -27.51 -25.47 -5.74
CA MET B 87 -28.89 -25.08 -5.93
C MET B 87 -29.41 -24.41 -4.67
N LEU B 88 -30.48 -23.67 -4.82
CA LEU B 88 -31.07 -22.99 -3.68
C LEU B 88 -32.43 -22.47 -4.09
N LYS B 89 -33.44 -22.85 -3.31
CA LYS B 89 -34.82 -22.43 -3.55
C LYS B 89 -34.98 -21.06 -2.92
N LEU B 90 -35.52 -20.13 -3.69
CA LEU B 90 -35.73 -18.81 -3.17
C LEU B 90 -37.11 -18.72 -2.50
N PRO B 91 -37.34 -17.68 -1.69
CA PRO B 91 -38.65 -17.56 -1.03
C PRO B 91 -39.85 -17.67 -1.97
N ASP B 92 -39.75 -17.15 -3.19
CA ASP B 92 -40.90 -17.22 -4.11
C ASP B 92 -41.02 -18.56 -4.80
N GLY B 93 -40.05 -19.43 -4.53
CA GLY B 93 -40.09 -20.74 -5.15
C GLY B 93 -39.16 -20.89 -6.34
N THR B 94 -38.69 -19.76 -6.88
CA THR B 94 -37.76 -19.81 -8.01
C THR B 94 -36.45 -20.45 -7.53
N VAL B 95 -35.88 -21.32 -8.36
CA VAL B 95 -34.65 -22.01 -8.01
C VAL B 95 -33.42 -21.32 -8.61
N LYS B 96 -32.44 -21.07 -7.76
CA LYS B 96 -31.21 -20.43 -8.20
C LYS B 96 -30.15 -21.49 -8.31
N VAL B 97 -29.63 -21.74 -9.51
CA VAL B 97 -28.64 -22.80 -9.72
C VAL B 97 -27.34 -22.33 -10.38
N LEU B 98 -26.26 -22.55 -9.68
CA LEU B 98 -24.97 -22.13 -10.18
C LEU B 98 -24.50 -23.20 -11.12
N VAL B 99 -24.20 -22.85 -12.37
CA VAL B 99 -23.74 -23.87 -13.32
C VAL B 99 -22.39 -23.58 -13.95
N GLU B 100 -21.77 -24.62 -14.48
CA GLU B 100 -20.47 -24.47 -15.13
C GLU B 100 -20.50 -25.29 -16.39
N GLY B 101 -20.25 -24.64 -17.53
CA GLY B 101 -20.25 -25.33 -18.81
C GLY B 101 -19.02 -26.19 -18.88
N LEU B 102 -19.13 -27.37 -19.50
CA LEU B 102 -18.05 -28.36 -19.65
C LEU B 102 -17.67 -28.52 -21.12
N GLN B 103 -18.61 -28.91 -21.97
CA GLN B 103 -18.36 -29.05 -23.41
C GLN B 103 -19.62 -29.13 -24.26
N ARG B 104 -19.48 -28.76 -25.53
CA ARG B 104 -20.61 -28.77 -26.43
C ARG B 104 -21.05 -30.16 -26.85
N ALA B 105 -22.31 -30.26 -27.24
CA ALA B 105 -22.88 -31.52 -27.71
C ALA B 105 -23.96 -31.23 -28.74
N ARG B 106 -24.14 -32.17 -29.65
CA ARG B 106 -25.17 -32.04 -30.68
C ARG B 106 -26.35 -32.86 -30.19
N ILE B 107 -27.55 -32.34 -30.38
CA ILE B 107 -28.75 -33.03 -29.96
C ILE B 107 -29.12 -34.01 -31.08
N SER B 108 -29.15 -35.30 -30.75
CA SER B 108 -29.50 -36.38 -31.70
C SER B 108 -31.02 -36.42 -31.83
N ALA B 109 -31.65 -36.50 -30.67
CA ALA B 109 -33.10 -36.55 -30.56
C ALA B 109 -33.49 -35.83 -29.27
N LEU B 110 -34.52 -35.00 -29.37
CA LEU B 110 -35.00 -34.24 -28.23
C LEU B 110 -36.43 -34.67 -27.96
N SER B 111 -36.69 -35.14 -26.74
CA SER B 111 -38.03 -35.58 -26.37
C SER B 111 -38.54 -34.86 -25.13
N ASP B 112 -39.86 -34.82 -25.01
CA ASP B 112 -40.52 -34.21 -23.85
C ASP B 112 -41.24 -35.38 -23.21
N ASN B 113 -40.51 -36.08 -22.35
CA ASN B 113 -41.00 -37.26 -21.64
C ASN B 113 -41.97 -36.95 -20.51
N GLY B 114 -42.86 -36.00 -20.75
CA GLY B 114 -43.85 -35.62 -19.76
C GLY B 114 -43.37 -34.82 -18.54
N GLU B 115 -42.24 -35.22 -17.95
CA GLU B 115 -41.74 -34.52 -16.76
C GLU B 115 -40.78 -33.34 -17.04
N HIS B 116 -39.90 -33.50 -18.02
CA HIS B 116 -38.93 -32.46 -18.39
C HIS B 116 -38.35 -32.93 -19.72
N PHE B 117 -37.68 -32.04 -20.43
CA PHE B 117 -37.07 -32.34 -21.71
C PHE B 117 -35.87 -33.24 -21.51
N SER B 118 -35.61 -34.11 -22.48
CA SER B 118 -34.47 -35.01 -22.39
C SER B 118 -33.91 -35.23 -23.79
N ALA B 119 -32.62 -35.49 -23.89
CA ALA B 119 -32.07 -35.65 -25.21
C ALA B 119 -30.89 -36.60 -25.32
N LYS B 120 -30.73 -37.12 -26.53
CA LYS B 120 -29.60 -38.00 -26.80
C LYS B 120 -28.62 -37.00 -27.36
N ALA B 121 -27.53 -36.78 -26.64
CA ALA B 121 -26.53 -35.82 -27.07
C ALA B 121 -25.29 -36.51 -27.59
N GLU B 122 -24.52 -35.79 -28.39
CA GLU B 122 -23.28 -36.30 -28.94
C GLU B 122 -22.18 -35.25 -28.73
N TYR B 123 -21.28 -35.49 -27.78
CA TYR B 123 -20.17 -34.56 -27.49
C TYR B 123 -19.40 -34.13 -28.73
N LEU B 124 -19.10 -32.84 -28.83
CA LEU B 124 -18.36 -32.31 -29.97
C LEU B 124 -16.93 -31.92 -29.52
N GLU C 17 3.14 -10.26 -35.89
CA GLU C 17 1.75 -10.66 -36.29
C GLU C 17 0.65 -10.40 -35.23
N ILE C 18 0.94 -10.54 -33.93
CA ILE C 18 -0.06 -10.21 -32.87
C ILE C 18 0.48 -9.98 -31.46
N PRO C 19 0.12 -8.82 -30.82
CA PRO C 19 0.57 -8.50 -29.47
C PRO C 19 0.02 -9.59 -28.51
N VAL C 20 0.82 -9.94 -27.50
CA VAL C 20 0.44 -10.99 -26.56
C VAL C 20 0.28 -10.42 -25.14
N LEU C 21 -0.90 -10.63 -24.57
CA LEU C 21 -1.16 -10.15 -23.22
C LEU C 21 -1.25 -11.32 -22.25
N PRO C 22 -0.37 -11.32 -21.24
CA PRO C 22 -0.35 -12.38 -20.21
C PRO C 22 -1.44 -12.10 -19.22
N LEU C 23 -2.12 -13.15 -18.83
CA LEU C 23 -3.21 -13.06 -17.84
C LEU C 23 -2.92 -14.09 -16.82
N ARG C 24 -2.98 -13.67 -15.57
CA ARG C 24 -2.74 -14.48 -14.40
C ARG C 24 -3.99 -14.91 -13.63
N ASP C 25 -4.90 -13.96 -13.34
CA ASP C 25 -6.04 -14.27 -12.49
C ASP C 25 -7.23 -15.00 -13.12
N VAL C 26 -7.48 -14.76 -14.41
CA VAL C 26 -8.61 -15.37 -15.09
C VAL C 26 -8.14 -16.07 -16.36
N VAL C 27 -8.95 -17.01 -16.86
CA VAL C 27 -8.62 -17.77 -18.09
C VAL C 27 -9.73 -17.45 -19.07
N VAL C 28 -9.42 -16.73 -20.12
CA VAL C 28 -10.44 -16.32 -21.07
C VAL C 28 -10.60 -17.29 -22.25
N TYR C 29 -11.83 -17.77 -22.50
CA TYR C 29 -12.09 -18.70 -23.61
C TYR C 29 -12.96 -18.05 -24.68
N PRO C 30 -13.02 -18.65 -25.89
CA PRO C 30 -13.84 -18.09 -26.96
C PRO C 30 -15.25 -17.85 -26.43
N HIS C 31 -15.89 -16.76 -26.88
CA HIS C 31 -17.25 -16.32 -26.49
C HIS C 31 -17.36 -15.67 -25.11
N MET C 32 -16.33 -15.72 -24.32
CA MET C 32 -16.41 -15.03 -23.05
C MET C 32 -16.18 -13.52 -23.31
N VAL C 33 -16.94 -12.67 -22.64
CA VAL C 33 -16.77 -11.24 -22.73
C VAL C 33 -16.40 -10.83 -21.29
N ILE C 34 -15.22 -10.24 -21.13
CA ILE C 34 -14.82 -9.88 -19.79
C ILE C 34 -14.07 -8.56 -19.69
N PRO C 35 -14.38 -7.76 -18.66
CA PRO C 35 -13.74 -6.46 -18.43
C PRO C 35 -12.46 -6.75 -17.72
N LEU C 36 -11.34 -6.35 -18.30
CA LEU C 36 -10.07 -6.60 -17.66
C LEU C 36 -9.49 -5.28 -17.15
N PHE C 37 -8.63 -5.39 -16.13
CA PHE C 37 -7.94 -4.27 -15.52
C PHE C 37 -6.47 -4.45 -15.87
N VAL C 38 -5.87 -3.44 -16.43
CA VAL C 38 -4.47 -3.54 -16.81
C VAL C 38 -3.72 -2.33 -16.28
N GLY C 39 -2.98 -2.52 -15.19
CA GLY C 39 -2.23 -1.41 -14.62
C GLY C 39 -0.73 -1.44 -14.83
N ARG C 40 -0.19 -2.36 -15.63
CA ARG C 40 1.25 -2.41 -15.87
C ARG C 40 1.53 -1.78 -17.24
N GLU C 41 2.56 -0.90 -17.31
CA GLU C 41 2.88 -0.17 -18.55
C GLU C 41 3.07 -1.01 -19.76
N LYS C 42 3.90 -2.05 -19.62
CA LYS C 42 4.15 -2.97 -20.73
C LYS C 42 2.83 -3.54 -21.27
N SER C 43 1.97 -3.99 -20.38
CA SER C 43 0.72 -4.59 -20.82
C SER C 43 -0.16 -3.53 -21.48
N ILE C 44 -0.09 -2.32 -20.97
CA ILE C 44 -0.85 -1.23 -21.56
C ILE C 44 -0.26 -1.03 -22.94
N ARG C 45 1.08 -1.02 -23.01
CA ARG C 45 1.75 -0.86 -24.30
C ARG C 45 1.19 -1.89 -25.25
N CYS C 46 1.05 -3.12 -24.75
CA CYS C 46 0.49 -4.24 -25.51
C CYS C 46 -0.93 -3.94 -26.04
N LEU C 47 -1.83 -3.46 -25.19
CA LEU C 47 -3.18 -3.12 -25.65
C LEU C 47 -3.11 -2.05 -26.73
N GLU C 48 -2.35 -0.99 -26.47
CA GLU C 48 -2.29 0.06 -27.48
C GLU C 48 -1.78 -0.46 -28.82
N ALA C 49 -0.86 -1.42 -28.79
CA ALA C 49 -0.35 -2.00 -30.02
C ALA C 49 -1.48 -2.66 -30.81
N ALA C 50 -2.36 -3.37 -30.13
CA ALA C 50 -3.46 -4.03 -30.77
C ALA C 50 -4.43 -2.99 -31.36
N MET C 51 -4.69 -1.93 -30.61
CA MET C 51 -5.61 -0.89 -31.08
C MET C 51 -5.06 -0.28 -32.37
N ASP C 52 -3.75 0.03 -32.35
CA ASP C 52 -3.08 0.60 -33.51
C ASP C 52 -3.15 -0.35 -34.68
N HIS C 53 -3.74 -1.53 -34.48
CA HIS C 53 -3.86 -2.48 -35.58
C HIS C 53 -5.33 -2.81 -35.83
N ASP C 54 -5.75 -4.05 -35.61
CA ASP C 54 -7.15 -4.41 -35.83
C ASP C 54 -7.88 -4.82 -34.52
N LYS C 55 -7.41 -4.32 -33.38
CA LYS C 55 -8.02 -4.60 -32.09
C LYS C 55 -7.99 -6.09 -31.64
N LYS C 56 -7.15 -6.89 -32.28
CA LYS C 56 -7.04 -8.30 -31.90
C LYS C 56 -5.82 -8.47 -30.99
N ILE C 57 -5.93 -9.27 -29.94
CA ILE C 57 -4.80 -9.55 -29.07
C ILE C 57 -4.87 -11.01 -28.65
N MET C 58 -3.69 -11.52 -28.34
CA MET C 58 -3.52 -12.91 -27.94
C MET C 58 -3.42 -12.93 -26.44
N LEU C 59 -4.34 -13.68 -25.85
CA LEU C 59 -4.40 -13.83 -24.41
C LEU C 59 -3.75 -15.16 -24.07
N VAL C 60 -2.74 -15.18 -23.20
CA VAL C 60 -2.11 -16.43 -22.77
C VAL C 60 -1.97 -16.40 -21.26
N ALA C 61 -2.06 -17.58 -20.65
CA ALA C 61 -1.90 -17.68 -19.22
C ALA C 61 -0.39 -17.80 -18.95
N GLN C 62 0.01 -17.67 -17.70
CA GLN C 62 1.42 -17.78 -17.32
C GLN C 62 1.73 -19.16 -16.75
N LYS C 63 2.81 -19.79 -17.21
CA LYS C 63 3.22 -21.10 -16.70
C LYS C 63 3.41 -20.84 -15.23
N GLU C 64 4.37 -20.00 -14.90
CA GLU C 64 4.51 -19.68 -13.50
C GLU C 64 3.92 -18.27 -13.30
N ALA C 65 2.75 -18.30 -12.64
CA ALA C 65 1.96 -17.13 -12.33
C ALA C 65 2.53 -16.45 -11.08
N SER C 66 3.70 -16.92 -10.67
CA SER C 66 4.42 -16.41 -9.51
C SER C 66 5.11 -15.06 -9.69
N THR C 67 5.32 -14.64 -10.94
CA THR C 67 5.95 -13.33 -11.19
C THR C 67 5.06 -12.44 -12.04
N ASP C 68 4.95 -11.18 -11.67
CA ASP C 68 4.13 -10.28 -12.44
C ASP C 68 4.92 -9.63 -13.55
N GLU C 69 6.19 -10.01 -13.68
CA GLU C 69 7.00 -9.54 -14.81
C GLU C 69 7.47 -10.79 -15.53
N PRO C 70 6.54 -11.55 -16.11
CA PRO C 70 7.01 -12.74 -16.82
C PRO C 70 8.01 -12.47 -17.98
N GLY C 71 8.77 -13.50 -18.34
CA GLY C 71 9.68 -13.43 -19.48
C GLY C 71 9.03 -14.36 -20.51
N VAL C 72 9.53 -14.45 -21.75
CA VAL C 72 8.93 -15.33 -22.74
C VAL C 72 8.85 -16.78 -22.27
N ASN C 73 9.74 -17.17 -21.36
CA ASN C 73 9.73 -18.55 -20.89
C ASN C 73 8.66 -18.87 -19.92
N ASP C 74 7.99 -17.83 -19.41
CA ASP C 74 6.95 -18.04 -18.40
C ASP C 74 5.55 -18.06 -18.97
N LEU C 75 5.39 -17.90 -20.28
CA LEU C 75 4.07 -17.91 -20.93
C LEU C 75 3.71 -19.23 -21.60
N PHE C 76 2.45 -19.62 -21.56
CA PHE C 76 2.00 -20.83 -22.24
C PHE C 76 1.99 -20.49 -23.72
N THR C 77 1.92 -21.51 -24.56
CA THR C 77 1.94 -21.27 -26.00
C THR C 77 0.63 -21.50 -26.71
N VAL C 78 -0.42 -21.78 -25.94
CA VAL C 78 -1.76 -21.91 -26.51
C VAL C 78 -2.57 -20.88 -25.73
N GLY C 79 -3.51 -20.20 -26.39
CA GLY C 79 -4.30 -19.20 -25.69
C GLY C 79 -5.58 -18.90 -26.45
N THR C 80 -6.08 -17.68 -26.28
CA THR C 80 -7.31 -17.27 -26.92
C THR C 80 -7.13 -15.93 -27.58
N VAL C 81 -7.37 -15.87 -28.88
CA VAL C 81 -7.26 -14.62 -29.61
C VAL C 81 -8.56 -13.91 -29.26
N ALA C 82 -8.47 -12.64 -28.90
CA ALA C 82 -9.66 -11.93 -28.49
C ALA C 82 -9.67 -10.60 -29.15
N SER C 83 -10.86 -10.01 -29.19
CA SER C 83 -11.00 -8.69 -29.77
C SER C 83 -11.24 -7.67 -28.65
N ILE C 84 -10.63 -6.50 -28.77
CA ILE C 84 -10.80 -5.42 -27.79
C ILE C 84 -12.01 -4.61 -28.23
N LEU C 85 -13.08 -4.65 -27.44
CA LEU C 85 -14.34 -3.94 -27.71
C LEU C 85 -14.39 -2.52 -27.18
N GLN C 86 -13.72 -2.30 -26.06
CA GLN C 86 -13.71 -0.98 -25.43
C GLN C 86 -12.48 -0.83 -24.61
N MET C 87 -11.91 0.36 -24.65
CA MET C 87 -10.74 0.63 -23.84
C MET C 87 -10.80 2.05 -23.29
N LEU C 88 -10.54 2.20 -22.00
CA LEU C 88 -10.54 3.52 -21.41
C LEU C 88 -9.44 3.68 -20.35
N LYS C 89 -8.69 4.77 -20.49
CA LYS C 89 -7.58 5.08 -19.60
C LYS C 89 -8.11 5.89 -18.44
N LEU C 90 -7.93 5.37 -17.22
CA LEU C 90 -8.40 6.04 -16.01
C LEU C 90 -7.49 7.20 -15.60
N PRO C 91 -7.88 7.94 -14.54
CA PRO C 91 -7.09 9.08 -14.05
C PRO C 91 -5.61 8.74 -13.83
N ASP C 92 -5.37 7.72 -13.00
CA ASP C 92 -4.02 7.29 -12.69
C ASP C 92 -3.23 6.67 -13.82
N GLY C 93 -3.86 6.50 -14.98
CA GLY C 93 -3.12 5.94 -16.10
C GLY C 93 -3.36 4.46 -16.39
N THR C 94 -4.03 3.80 -15.45
CA THR C 94 -4.41 2.40 -15.51
C THR C 94 -5.46 2.25 -16.58
N VAL C 95 -5.62 1.04 -17.12
CA VAL C 95 -6.59 0.87 -18.19
C VAL C 95 -7.69 -0.15 -17.91
N LYS C 96 -8.91 0.14 -18.38
CA LYS C 96 -9.99 -0.82 -18.24
C LYS C 96 -10.27 -1.19 -19.68
N VAL C 97 -10.12 -2.47 -20.01
CA VAL C 97 -10.34 -2.91 -21.37
C VAL C 97 -11.36 -4.02 -21.42
N LEU C 98 -12.29 -3.93 -22.35
CA LEU C 98 -13.31 -4.96 -22.45
C LEU C 98 -12.93 -5.83 -23.62
N VAL C 99 -12.74 -7.13 -23.38
CA VAL C 99 -12.40 -8.04 -24.49
C VAL C 99 -13.38 -9.18 -24.69
N GLU C 100 -13.44 -9.68 -25.93
CA GLU C 100 -14.31 -10.82 -26.25
C GLU C 100 -13.46 -11.94 -26.86
N GLY C 101 -13.48 -13.11 -26.25
CA GLY C 101 -12.72 -14.22 -26.78
C GLY C 101 -13.29 -14.63 -28.12
N LEU C 102 -12.44 -14.79 -29.13
CA LEU C 102 -12.91 -15.17 -30.47
C LEU C 102 -12.63 -16.66 -30.72
N GLN C 103 -11.37 -17.08 -30.71
CA GLN C 103 -11.08 -18.51 -30.91
C GLN C 103 -9.69 -18.84 -30.44
N ARG C 104 -9.48 -20.13 -30.19
CA ARG C 104 -8.23 -20.63 -29.69
C ARG C 104 -7.13 -20.57 -30.73
N ALA C 105 -5.88 -20.44 -30.27
CA ALA C 105 -4.75 -20.41 -31.19
C ALA C 105 -3.52 -20.87 -30.47
N ARG C 106 -2.51 -21.25 -31.25
CA ARG C 106 -1.19 -21.69 -30.74
C ARG C 106 -0.24 -20.58 -31.12
N ILE C 107 0.72 -20.31 -30.24
CA ILE C 107 1.72 -19.28 -30.46
C ILE C 107 2.92 -20.02 -31.02
N SER C 108 3.60 -19.40 -31.96
CA SER C 108 4.73 -20.04 -32.58
C SER C 108 6.07 -19.38 -32.37
N ALA C 109 6.09 -18.06 -32.17
CA ALA C 109 7.39 -17.42 -31.98
C ALA C 109 7.38 -16.24 -31.01
N LEU C 110 7.15 -16.56 -29.74
CA LEU C 110 7.10 -15.56 -28.69
C LEU C 110 8.29 -14.66 -28.66
N SER C 111 8.08 -13.37 -28.86
CA SER C 111 9.20 -12.45 -28.82
C SER C 111 8.91 -11.35 -27.78
N ASP C 112 9.96 -10.70 -27.30
CA ASP C 112 9.84 -9.66 -26.30
C ASP C 112 10.80 -8.57 -26.73
N ASN C 113 10.29 -7.49 -27.30
CA ASN C 113 11.17 -6.41 -27.72
C ASN C 113 11.37 -5.31 -26.68
N GLY C 114 10.84 -5.50 -25.48
CA GLY C 114 10.97 -4.49 -24.45
C GLY C 114 9.64 -3.74 -24.28
N GLU C 115 9.05 -3.37 -25.42
CA GLU C 115 7.77 -2.67 -25.44
C GLU C 115 6.60 -3.54 -24.94
N HIS C 116 6.50 -4.76 -25.47
CA HIS C 116 5.45 -5.71 -25.07
C HIS C 116 5.68 -7.08 -25.75
N PHE C 117 4.98 -8.12 -25.30
CA PHE C 117 5.14 -9.43 -25.94
C PHE C 117 4.43 -9.47 -27.27
N SER C 118 4.99 -10.24 -28.21
CA SER C 118 4.40 -10.43 -29.52
C SER C 118 4.68 -11.83 -30.06
N ALA C 119 3.90 -12.29 -31.03
CA ALA C 119 4.16 -13.61 -31.58
C ALA C 119 3.39 -13.86 -32.86
N LYS C 120 3.64 -15.04 -33.42
CA LYS C 120 2.96 -15.50 -34.62
C LYS C 120 2.04 -16.58 -34.10
N ALA C 121 0.77 -16.49 -34.47
CA ALA C 121 -0.26 -17.43 -34.03
C ALA C 121 -0.90 -18.19 -35.17
N GLU C 122 -1.44 -19.35 -34.83
CA GLU C 122 -2.11 -20.23 -35.77
C GLU C 122 -3.42 -20.59 -35.12
N TYR C 123 -4.51 -20.08 -35.68
CA TYR C 123 -5.82 -20.38 -35.13
C TYR C 123 -6.04 -21.88 -35.04
N LEU C 124 -6.70 -22.32 -33.98
CA LEU C 124 -6.98 -23.74 -33.77
C LEU C 124 -8.47 -24.02 -34.01
N ARG D 15 -15.87 -3.16 10.30
CA ARG D 15 -14.59 -3.33 11.05
C ARG D 15 -14.37 -4.79 11.29
N ILE D 16 -13.59 -5.43 10.43
CA ILE D 16 -13.30 -6.85 10.55
C ILE D 16 -11.87 -7.16 10.12
N GLU D 17 -11.38 -8.32 10.56
CA GLU D 17 -10.04 -8.78 10.24
C GLU D 17 -10.24 -9.82 9.16
N ILE D 18 -9.58 -9.66 8.01
CA ILE D 18 -9.78 -10.62 6.93
C ILE D 18 -8.57 -10.83 6.01
N PRO D 19 -8.35 -12.09 5.53
CA PRO D 19 -7.22 -12.34 4.63
C PRO D 19 -7.38 -11.50 3.33
N VAL D 20 -6.29 -11.17 2.65
CA VAL D 20 -6.33 -10.37 1.42
C VAL D 20 -5.71 -11.05 0.22
N LEU D 21 -6.51 -11.20 -0.83
CA LEU D 21 -6.01 -11.81 -2.07
C LEU D 21 -5.80 -10.69 -3.08
N PRO D 22 -4.55 -10.47 -3.49
CA PRO D 22 -4.35 -9.38 -4.46
C PRO D 22 -4.68 -9.79 -5.88
N LEU D 23 -5.38 -8.93 -6.59
CA LEU D 23 -5.70 -9.24 -7.96
C LEU D 23 -5.06 -8.29 -8.92
N ARG D 24 -4.57 -8.85 -10.01
CA ARG D 24 -3.89 -8.06 -11.02
C ARG D 24 -4.72 -7.76 -12.27
N ASP D 25 -5.54 -8.72 -12.71
CA ASP D 25 -6.23 -8.58 -14.00
C ASP D 25 -7.71 -8.27 -14.04
N VAL D 26 -8.39 -8.42 -12.91
CA VAL D 26 -9.81 -8.13 -12.89
C VAL D 26 -10.25 -7.39 -11.60
N VAL D 27 -11.32 -6.63 -11.76
CA VAL D 27 -11.96 -5.92 -10.65
C VAL D 27 -13.32 -6.66 -10.41
N VAL D 28 -13.41 -7.34 -9.28
CA VAL D 28 -14.60 -8.08 -8.91
C VAL D 28 -15.53 -7.21 -8.04
N TYR D 29 -16.76 -7.05 -8.49
CA TYR D 29 -17.75 -6.24 -7.79
C TYR D 29 -18.77 -7.13 -7.08
N PRO D 30 -19.53 -6.55 -6.13
CA PRO D 30 -20.54 -7.32 -5.42
C PRO D 30 -21.50 -7.90 -6.46
N HIS D 31 -21.87 -9.15 -6.24
CA HIS D 31 -22.78 -9.95 -7.08
C HIS D 31 -22.10 -10.65 -8.25
N MET D 32 -20.85 -10.29 -8.53
CA MET D 32 -20.16 -11.04 -9.59
C MET D 32 -19.78 -12.43 -9.04
N VAL D 33 -19.81 -13.44 -9.91
CA VAL D 33 -19.44 -14.80 -9.55
C VAL D 33 -18.41 -15.18 -10.60
N ILE D 34 -17.16 -15.37 -10.19
CA ILE D 34 -16.14 -15.65 -11.17
C ILE D 34 -15.05 -16.63 -10.73
N PRO D 35 -14.55 -17.45 -11.67
CA PRO D 35 -13.48 -18.43 -11.37
C PRO D 35 -12.14 -17.71 -11.41
N LEU D 36 -11.41 -17.73 -10.30
CA LEU D 36 -10.09 -17.12 -10.28
C LEU D 36 -9.08 -18.28 -10.17
N PHE D 37 -7.91 -18.05 -10.73
CA PHE D 37 -6.82 -19.02 -10.70
C PHE D 37 -5.69 -18.45 -9.88
N VAL D 38 -5.27 -19.18 -8.86
CA VAL D 38 -4.22 -18.67 -8.01
C VAL D 38 -3.09 -19.68 -8.03
N GLY D 39 -1.88 -19.15 -8.18
CA GLY D 39 -0.69 -19.98 -8.22
C GLY D 39 0.52 -19.32 -7.59
N ARG D 40 0.37 -18.95 -6.33
CA ARG D 40 1.43 -18.34 -5.54
C ARG D 40 1.16 -18.81 -4.14
N GLU D 41 2.22 -19.24 -3.50
CA GLU D 41 2.16 -19.75 -2.14
C GLU D 41 1.35 -18.91 -1.18
N LYS D 42 1.76 -17.66 -0.98
CA LYS D 42 1.05 -16.80 -0.03
C LYS D 42 -0.40 -16.59 -0.39
N SER D 43 -0.72 -16.55 -1.68
CA SER D 43 -2.10 -16.33 -2.09
C SER D 43 -2.88 -17.60 -1.83
N ILE D 44 -2.26 -18.73 -2.11
CA ILE D 44 -2.92 -19.99 -1.86
C ILE D 44 -3.21 -20.16 -0.36
N ARG D 45 -2.30 -19.67 0.49
CA ARG D 45 -2.45 -19.77 1.95
C ARG D 45 -3.53 -18.79 2.42
N CYS D 46 -3.70 -17.75 1.63
CA CYS D 46 -4.70 -16.76 1.91
C CYS D 46 -6.06 -17.48 1.80
N LEU D 47 -6.28 -18.15 0.67
CA LEU D 47 -7.54 -18.87 0.47
C LEU D 47 -7.83 -19.88 1.61
N GLU D 48 -6.80 -20.66 1.97
CA GLU D 48 -6.95 -21.67 3.00
C GLU D 48 -7.20 -21.04 4.33
N ALA D 49 -6.66 -19.84 4.53
CA ALA D 49 -6.91 -19.16 5.78
C ALA D 49 -8.42 -18.86 5.89
N ALA D 50 -8.98 -18.37 4.79
CA ALA D 50 -10.41 -18.04 4.76
C ALA D 50 -11.30 -19.28 4.83
N MET D 51 -10.85 -20.34 4.16
CA MET D 51 -11.59 -21.59 4.15
C MET D 51 -11.77 -22.07 5.58
N ASP D 52 -10.78 -21.78 6.42
CA ASP D 52 -10.85 -22.19 7.81
C ASP D 52 -11.92 -21.45 8.57
N HIS D 53 -11.98 -20.15 8.37
CA HIS D 53 -12.96 -19.31 9.05
C HIS D 53 -14.32 -19.33 8.32
N ASP D 54 -14.88 -18.16 8.02
CA ASP D 54 -16.18 -18.04 7.36
C ASP D 54 -16.09 -18.06 5.83
N LYS D 55 -14.96 -18.53 5.31
CA LYS D 55 -14.79 -18.61 3.87
C LYS D 55 -14.88 -17.28 3.15
N LYS D 56 -14.63 -16.18 3.84
CA LYS D 56 -14.68 -14.92 3.14
C LYS D 56 -13.28 -14.34 2.92
N ILE D 57 -13.06 -13.71 1.77
CA ILE D 57 -11.77 -13.10 1.50
C ILE D 57 -11.95 -11.73 0.91
N MET D 58 -10.95 -10.91 1.14
CA MET D 58 -10.90 -9.55 0.64
C MET D 58 -10.21 -9.54 -0.72
N LEU D 59 -10.85 -9.03 -1.75
CA LEU D 59 -10.17 -9.01 -3.06
C LEU D 59 -9.76 -7.58 -3.33
N VAL D 60 -8.49 -7.34 -3.59
CA VAL D 60 -8.02 -5.98 -3.83
C VAL D 60 -7.05 -5.94 -4.99
N ALA D 61 -7.16 -4.92 -5.83
CA ALA D 61 -6.28 -4.78 -6.97
C ALA D 61 -4.87 -4.38 -6.52
N GLN D 62 -3.86 -4.74 -7.33
CA GLN D 62 -2.47 -4.42 -7.05
C GLN D 62 -2.02 -3.32 -7.97
N LYS D 63 -1.07 -2.54 -7.51
CA LYS D 63 -0.54 -1.47 -8.33
C LYS D 63 0.71 -2.08 -8.93
N GLU D 64 1.24 -1.50 -10.00
CA GLU D 64 2.45 -2.05 -10.60
C GLU D 64 3.60 -1.91 -9.57
N ALA D 65 4.39 -2.96 -9.40
CA ALA D 65 5.50 -3.00 -8.45
C ALA D 65 6.70 -3.61 -9.17
N SER D 66 7.89 -3.40 -8.61
CA SER D 66 9.11 -3.90 -9.23
C SER D 66 9.53 -5.28 -8.72
N THR D 67 8.75 -5.83 -7.78
CA THR D 67 9.02 -7.12 -7.18
C THR D 67 8.12 -8.18 -7.88
N ASP D 68 8.54 -9.45 -7.84
CA ASP D 68 7.76 -10.51 -8.49
C ASP D 68 6.34 -10.55 -7.98
N GLU D 69 6.20 -10.35 -6.68
CA GLU D 69 4.89 -10.31 -6.09
C GLU D 69 4.78 -8.97 -5.39
N PRO D 70 3.58 -8.40 -5.32
CA PRO D 70 3.38 -7.10 -4.66
C PRO D 70 3.59 -7.26 -3.14
N GLY D 71 3.99 -6.17 -2.49
CA GLY D 71 4.18 -6.20 -1.04
C GLY D 71 3.02 -5.46 -0.38
N VAL D 72 3.05 -5.31 0.94
CA VAL D 72 1.98 -4.63 1.66
C VAL D 72 1.75 -3.20 1.27
N ASN D 73 2.71 -2.58 0.61
CA ASN D 73 2.55 -1.19 0.19
C ASN D 73 2.13 -1.04 -1.28
N ASP D 74 1.86 -2.17 -1.93
CA ASP D 74 1.50 -2.16 -3.34
C ASP D 74 0.05 -2.50 -3.74
N LEU D 75 -0.91 -2.33 -2.83
CA LEU D 75 -2.32 -2.64 -3.10
C LEU D 75 -3.18 -1.40 -3.02
N PHE D 76 -4.32 -1.37 -3.71
CA PHE D 76 -5.19 -0.20 -3.56
C PHE D 76 -5.86 -0.25 -2.18
N THR D 77 -6.75 0.68 -1.85
CA THR D 77 -7.32 0.63 -0.48
C THR D 77 -8.76 0.17 -0.35
N VAL D 78 -9.47 0.12 -1.48
CA VAL D 78 -10.84 -0.35 -1.47
C VAL D 78 -10.96 -1.61 -2.33
N GLY D 79 -11.60 -2.64 -1.79
CA GLY D 79 -11.73 -3.87 -2.55
C GLY D 79 -13.12 -4.41 -2.34
N THR D 80 -13.30 -5.71 -2.56
CA THR D 80 -14.62 -6.34 -2.43
C THR D 80 -14.43 -7.56 -1.58
N VAL D 81 -15.25 -7.68 -0.53
CA VAL D 81 -15.19 -8.85 0.31
C VAL D 81 -16.01 -9.90 -0.43
N ALA D 82 -15.43 -11.08 -0.61
CA ALA D 82 -16.11 -12.10 -1.36
C ALA D 82 -16.07 -13.39 -0.61
N SER D 83 -17.01 -14.28 -0.93
CA SER D 83 -17.00 -15.59 -0.30
C SER D 83 -16.50 -16.62 -1.31
N ILE D 84 -15.79 -17.62 -0.79
CA ILE D 84 -15.26 -18.68 -1.61
C ILE D 84 -16.28 -19.79 -1.80
N LEU D 85 -16.92 -19.80 -2.95
CA LEU D 85 -17.93 -20.81 -3.27
C LEU D 85 -17.34 -22.18 -3.51
N GLN D 86 -16.12 -22.23 -4.05
CA GLN D 86 -15.47 -23.50 -4.34
C GLN D 86 -13.98 -23.30 -4.49
N MET D 87 -13.22 -24.22 -3.95
CA MET D 87 -11.77 -24.15 -4.03
C MET D 87 -11.34 -25.50 -4.54
N LEU D 88 -10.64 -25.53 -5.66
CA LEU D 88 -10.29 -26.79 -6.24
C LEU D 88 -8.87 -26.85 -6.77
N LYS D 89 -8.03 -27.68 -6.16
CA LYS D 89 -6.67 -27.78 -6.65
C LYS D 89 -6.64 -28.46 -8.02
N LEU D 90 -5.76 -27.99 -8.90
CA LEU D 90 -5.65 -28.54 -10.25
C LEU D 90 -4.31 -29.28 -10.44
N PRO D 91 -4.32 -30.37 -11.21
CA PRO D 91 -3.21 -31.26 -11.57
C PRO D 91 -1.93 -30.56 -12.04
N ASP D 92 -2.03 -29.29 -12.42
CA ASP D 92 -0.86 -28.57 -12.87
C ASP D 92 -0.26 -27.76 -11.73
N GLY D 93 -0.80 -27.90 -10.53
CA GLY D 93 -0.22 -27.18 -9.42
C GLY D 93 -0.92 -25.89 -9.03
N THR D 94 -1.85 -25.45 -9.86
CA THR D 94 -2.58 -24.25 -9.52
C THR D 94 -3.93 -24.58 -8.89
N VAL D 95 -4.59 -23.54 -8.41
CA VAL D 95 -5.86 -23.70 -7.73
C VAL D 95 -6.95 -22.82 -8.34
N LYS D 96 -8.07 -23.43 -8.71
CA LYS D 96 -9.18 -22.67 -9.27
C LYS D 96 -10.10 -22.36 -8.13
N VAL D 97 -10.35 -21.09 -7.91
CA VAL D 97 -11.21 -20.70 -6.81
C VAL D 97 -12.40 -19.91 -7.33
N LEU D 98 -13.60 -20.44 -7.11
CA LEU D 98 -14.80 -19.76 -7.55
C LEU D 98 -15.28 -18.78 -6.46
N VAL D 99 -15.41 -17.49 -6.80
CA VAL D 99 -15.86 -16.54 -5.79
C VAL D 99 -17.13 -15.78 -6.17
N GLU D 100 -17.80 -15.25 -5.14
CA GLU D 100 -18.98 -14.44 -5.28
C GLU D 100 -18.72 -13.14 -4.51
N GLY D 101 -18.84 -12.00 -5.18
CA GLY D 101 -18.61 -10.75 -4.50
C GLY D 101 -19.78 -10.42 -3.60
N LEU D 102 -19.53 -10.00 -2.37
CA LEU D 102 -20.62 -9.68 -1.45
C LEU D 102 -20.76 -8.17 -1.29
N GLN D 103 -19.70 -7.47 -0.87
CA GLN D 103 -19.78 -6.02 -0.76
C GLN D 103 -18.42 -5.31 -0.69
N ARG D 104 -18.39 -4.03 -1.04
CA ARG D 104 -17.14 -3.28 -1.03
C ARG D 104 -16.70 -3.00 0.42
N ALA D 105 -15.39 -2.83 0.62
CA ALA D 105 -14.82 -2.51 1.94
C ALA D 105 -13.49 -1.79 1.76
N ARG D 106 -13.07 -1.03 2.76
CA ARG D 106 -11.79 -0.33 2.66
C ARG D 106 -10.87 -0.95 3.70
N ILE D 107 -9.62 -1.20 3.33
CA ILE D 107 -8.68 -1.81 4.25
C ILE D 107 -7.89 -0.68 4.89
N SER D 108 -7.56 -0.86 6.17
CA SER D 108 -6.85 0.19 6.91
C SER D 108 -5.47 -0.14 7.50
N ALA D 109 -5.20 -1.43 7.73
CA ALA D 109 -3.94 -1.83 8.32
C ALA D 109 -3.48 -3.17 7.75
N LEU D 110 -3.04 -3.13 6.50
CA LEU D 110 -2.58 -4.31 5.79
C LEU D 110 -1.24 -4.82 6.31
N SER D 111 -1.06 -6.13 6.39
CA SER D 111 0.21 -6.66 6.85
C SER D 111 0.53 -8.00 6.22
N ASP D 112 1.79 -8.40 6.31
CA ASP D 112 2.22 -9.68 5.78
C ASP D 112 2.91 -10.40 6.91
N ASN D 113 2.23 -11.38 7.48
CA ASN D 113 2.76 -12.15 8.60
C ASN D 113 3.45 -13.42 8.13
N GLY D 114 4.09 -13.37 6.98
CA GLY D 114 4.77 -14.55 6.46
C GLY D 114 3.82 -15.49 5.75
N GLU D 115 2.71 -15.83 6.40
CA GLU D 115 1.70 -16.74 5.82
C GLU D 115 0.94 -16.13 4.62
N HIS D 116 0.35 -14.96 4.82
CA HIS D 116 -0.42 -14.30 3.77
C HIS D 116 -0.69 -12.88 4.23
N PHE D 117 -1.24 -12.06 3.34
CA PHE D 117 -1.57 -10.70 3.72
C PHE D 117 -2.86 -10.77 4.50
N SER D 118 -3.02 -9.80 5.40
CA SER D 118 -4.23 -9.71 6.19
C SER D 118 -4.49 -8.23 6.39
N ALA D 119 -5.72 -7.88 6.69
CA ALA D 119 -6.01 -6.48 6.88
C ALA D 119 -7.29 -6.28 7.69
N LYS D 120 -7.48 -5.02 8.06
CA LYS D 120 -8.65 -4.58 8.77
C LYS D 120 -9.45 -3.95 7.65
N ALA D 121 -10.72 -4.31 7.58
CA ALA D 121 -11.60 -3.79 6.56
C ALA D 121 -12.88 -3.22 7.16
N GLU D 122 -13.34 -2.13 6.55
CA GLU D 122 -14.56 -1.45 6.97
C GLU D 122 -15.54 -1.59 5.79
N TYR D 123 -16.64 -2.30 5.99
CA TYR D 123 -17.62 -2.47 4.91
C TYR D 123 -18.20 -1.14 4.53
N LEU D 124 -18.22 -0.84 3.24
CA LEU D 124 -18.75 0.42 2.76
C LEU D 124 -20.16 0.22 2.18
N ARG E 15 -6.90 1.91 24.77
CA ARG E 15 -7.18 3.10 25.62
C ARG E 15 -6.55 2.96 27.01
N ILE E 16 -5.60 3.85 27.32
CA ILE E 16 -4.89 3.79 28.60
C ILE E 16 -4.78 5.14 29.30
N GLU E 17 -4.36 5.09 30.57
CA GLU E 17 -4.16 6.30 31.37
C GLU E 17 -2.65 6.45 31.37
N ILE E 18 -2.14 7.65 31.11
CA ILE E 18 -0.69 7.81 31.02
C ILE E 18 -0.27 9.21 31.42
N PRO E 19 0.91 9.34 32.07
CA PRO E 19 1.39 10.67 32.48
C PRO E 19 1.70 11.52 31.23
N VAL E 20 1.48 12.84 31.33
CA VAL E 20 1.71 13.70 30.15
C VAL E 20 2.80 14.71 30.39
N LEU E 21 3.83 14.62 29.54
CA LEU E 21 4.99 15.52 29.64
C LEU E 21 4.90 16.53 28.50
N PRO E 22 4.73 17.81 28.84
CA PRO E 22 4.66 18.83 27.80
C PRO E 22 6.08 19.18 27.33
N LEU E 23 6.23 19.37 26.03
CA LEU E 23 7.54 19.75 25.48
C LEU E 23 7.34 21.02 24.67
N ARG E 24 8.15 22.02 24.98
CA ARG E 24 8.06 23.32 24.32
C ARG E 24 9.04 23.48 23.16
N ASP E 25 10.29 23.10 23.37
CA ASP E 25 11.32 23.29 22.37
C ASP E 25 11.42 22.31 21.17
N VAL E 26 10.89 21.10 21.38
CA VAL E 26 11.01 20.07 20.34
C VAL E 26 9.72 19.32 20.20
N VAL E 27 9.63 18.58 19.11
CA VAL E 27 8.46 17.75 18.84
C VAL E 27 9.00 16.36 18.57
N VAL E 28 8.63 15.40 19.42
CA VAL E 28 9.12 14.06 19.26
C VAL E 28 8.10 13.22 18.49
N TYR E 29 8.53 12.60 17.40
CA TYR E 29 7.65 11.76 16.57
C TYR E 29 8.02 10.31 16.77
N PRO E 30 7.17 9.40 16.30
CA PRO E 30 7.46 7.96 16.46
C PRO E 30 8.79 7.67 15.76
N HIS E 31 9.55 6.76 16.32
CA HIS E 31 10.85 6.34 15.81
C HIS E 31 12.01 7.28 16.21
N MET E 32 11.72 8.48 16.70
CA MET E 32 12.85 9.34 17.17
C MET E 32 13.38 8.88 18.51
N VAL E 33 14.69 9.01 18.74
CA VAL E 33 15.24 8.65 20.02
C VAL E 33 15.92 9.96 20.37
N ILE E 34 15.56 10.54 21.52
CA ILE E 34 16.13 11.84 21.85
C ILE E 34 16.43 12.05 23.31
N PRO E 35 17.60 12.61 23.62
CA PRO E 35 17.96 12.86 25.02
C PRO E 35 17.23 14.17 25.45
N LEU E 36 16.43 14.13 26.52
CA LEU E 36 15.72 15.32 26.95
C LEU E 36 16.27 15.83 28.26
N PHE E 37 16.17 17.15 28.46
CA PHE E 37 16.60 17.80 29.72
C PHE E 37 15.32 18.18 30.47
N VAL E 38 15.18 17.72 31.71
CA VAL E 38 13.97 18.02 32.48
C VAL E 38 14.33 18.64 33.85
N GLY E 39 14.26 19.96 33.89
CA GLY E 39 14.64 20.69 35.09
C GLY E 39 13.49 21.13 35.98
N ARG E 40 12.24 21.01 35.53
CA ARG E 40 11.13 21.45 36.38
C ARG E 40 10.60 20.33 37.23
N GLU E 41 10.40 20.63 38.51
CA GLU E 41 9.95 19.65 39.50
C GLU E 41 8.76 18.83 39.06
N LYS E 42 7.73 19.54 38.62
CA LYS E 42 6.50 18.86 38.20
C LYS E 42 6.74 17.88 37.07
N SER E 43 7.63 18.25 36.17
CA SER E 43 7.92 17.39 35.02
C SER E 43 8.70 16.16 35.54
N ILE E 44 9.59 16.37 36.51
CA ILE E 44 10.31 15.23 37.10
C ILE E 44 9.27 14.27 37.67
N ARG E 45 8.29 14.77 38.41
CA ARG E 45 7.28 13.86 38.96
C ARG E 45 6.60 13.14 37.84
N CYS E 46 6.40 13.85 36.73
CA CYS E 46 5.74 13.18 35.59
C CYS E 46 6.54 11.94 35.16
N LEU E 47 7.84 12.13 34.98
CA LEU E 47 8.74 11.06 34.57
C LEU E 47 8.71 9.90 35.59
N GLU E 48 8.84 10.25 36.86
CA GLU E 48 8.86 9.25 37.92
C GLU E 48 7.62 8.39 37.89
N ALA E 49 6.47 9.00 37.66
CA ALA E 49 5.22 8.25 37.59
C ALA E 49 5.20 7.26 36.41
N ALA E 50 5.75 7.68 35.26
CA ALA E 50 5.79 6.81 34.10
C ALA E 50 6.70 5.63 34.38
N MET E 51 7.75 5.89 35.16
CA MET E 51 8.72 4.86 35.51
C MET E 51 8.06 3.81 36.45
N ASP E 52 7.23 4.27 37.39
CA ASP E 52 6.55 3.37 38.30
C ASP E 52 5.54 2.45 37.59
N HIS E 53 5.28 2.69 36.33
CA HIS E 53 4.34 1.85 35.60
C HIS E 53 5.06 0.98 34.59
N ASP E 54 4.88 1.28 33.32
CA ASP E 54 5.53 0.50 32.31
C ASP E 54 6.50 1.41 31.55
N LYS E 55 7.01 2.45 32.21
CA LYS E 55 7.93 3.39 31.55
C LYS E 55 7.37 4.19 30.37
N LYS E 56 6.10 4.05 30.04
CA LYS E 56 5.55 4.78 28.90
C LYS E 56 5.12 6.19 29.29
N ILE E 57 5.28 7.13 28.37
CA ILE E 57 4.95 8.51 28.68
C ILE E 57 4.39 9.23 27.48
N MET E 58 3.40 10.09 27.70
CA MET E 58 2.81 10.79 26.60
C MET E 58 3.48 12.16 26.43
N LEU E 59 4.04 12.37 25.24
CA LEU E 59 4.74 13.60 24.92
C LEU E 59 3.81 14.50 24.16
N VAL E 60 3.60 15.71 24.67
CA VAL E 60 2.71 16.62 23.96
C VAL E 60 3.30 18.03 23.76
N ALA E 61 2.97 18.64 22.63
CA ALA E 61 3.43 19.97 22.33
C ALA E 61 2.53 20.97 23.04
N GLN E 62 3.01 22.22 23.08
CA GLN E 62 2.31 23.33 23.73
C GLN E 62 1.76 24.28 22.67
N LYS E 63 0.57 24.82 22.91
CA LYS E 63 0.00 25.78 21.96
C LYS E 63 0.69 27.14 22.11
N GLU E 64 0.68 27.93 21.04
CA GLU E 64 1.33 29.23 21.04
C GLU E 64 0.95 30.05 22.27
N ALA E 65 1.86 30.93 22.69
CA ALA E 65 1.61 31.79 23.84
C ALA E 65 1.09 31.00 25.03
N SER E 66 1.97 30.14 25.55
CA SER E 66 1.72 29.35 26.73
C SER E 66 3.01 29.63 27.51
N THR E 67 2.94 29.63 28.83
CA THR E 67 4.11 29.93 29.61
C THR E 67 4.95 28.65 29.77
N ASP E 68 5.78 28.62 30.81
CA ASP E 68 6.55 27.44 31.09
C ASP E 68 5.81 26.73 32.23
N GLU E 69 4.66 27.30 32.61
CA GLU E 69 3.75 26.68 33.62
C GLU E 69 2.45 26.53 32.86
N PRO E 70 2.44 25.69 31.81
CA PRO E 70 1.18 25.53 31.08
C PRO E 70 0.03 25.00 31.93
N GLY E 71 -1.19 25.28 31.49
CA GLY E 71 -2.35 24.75 32.17
C GLY E 71 -2.91 23.74 31.15
N VAL E 72 -3.94 22.97 31.49
CA VAL E 72 -4.48 21.97 30.55
C VAL E 72 -4.96 22.53 29.20
N ASN E 73 -5.32 23.81 29.11
CA ASN E 73 -5.73 24.32 27.80
C ASN E 73 -4.55 24.71 26.93
N ASP E 74 -3.34 24.62 27.45
CA ASP E 74 -2.14 24.99 26.70
C ASP E 74 -1.49 23.83 25.95
N LEU E 75 -1.99 22.61 26.18
CA LEU E 75 -1.45 21.40 25.58
C LEU E 75 -2.21 20.88 24.37
N PHE E 76 -1.51 20.39 23.32
CA PHE E 76 -2.18 19.86 22.14
C PHE E 76 -2.84 18.59 22.63
N THR E 77 -3.73 18.00 21.85
CA THR E 77 -4.41 16.80 22.31
C THR E 77 -4.02 15.55 21.56
N VAL E 78 -3.17 15.70 20.55
CA VAL E 78 -2.63 14.60 19.82
C VAL E 78 -1.13 14.74 20.03
N GLY E 79 -0.46 13.66 20.37
CA GLY E 79 0.97 13.71 20.60
C GLY E 79 1.60 12.35 20.37
N THR E 80 2.73 12.12 21.02
CA THR E 80 3.44 10.87 20.83
C THR E 80 3.70 10.06 22.07
N VAL E 81 3.26 8.81 22.08
CA VAL E 81 3.52 7.96 23.22
C VAL E 81 4.95 7.48 23.05
N ALA E 82 5.72 7.58 24.12
CA ALA E 82 7.11 7.24 24.03
C ALA E 82 7.51 6.36 25.17
N SER E 83 8.65 5.70 24.97
CA SER E 83 9.22 4.85 26.00
C SER E 83 10.42 5.55 26.66
N ILE E 84 10.53 5.48 27.99
CA ILE E 84 11.66 6.07 28.67
C ILE E 84 12.70 4.96 28.63
N LEU E 85 13.79 5.21 27.90
CA LEU E 85 14.89 4.27 27.74
C LEU E 85 15.83 4.29 28.90
N GLN E 86 16.20 5.49 29.35
CA GLN E 86 17.12 5.68 30.47
C GLN E 86 16.79 6.97 31.17
N MET E 87 17.04 7.02 32.47
CA MET E 87 16.76 8.22 33.24
C MET E 87 17.85 8.43 34.26
N LEU E 88 18.30 9.67 34.37
CA LEU E 88 19.35 10.01 35.33
C LEU E 88 19.11 11.34 36.02
N LYS E 89 19.08 11.33 37.36
CA LYS E 89 18.91 12.55 38.13
C LYS E 89 20.32 13.04 38.44
N LEU E 90 20.63 14.27 38.06
CA LEU E 90 21.97 14.77 38.32
C LEU E 90 22.14 15.30 39.74
N PRO E 91 23.36 15.68 40.09
CA PRO E 91 23.68 16.22 41.42
C PRO E 91 22.85 17.43 41.80
N ASP E 92 22.35 18.16 40.83
CA ASP E 92 21.57 19.35 41.16
C ASP E 92 20.07 19.08 41.13
N GLY E 93 19.67 17.81 41.13
CA GLY E 93 18.21 17.50 41.12
C GLY E 93 17.55 17.52 39.74
N THR E 94 18.25 18.13 38.80
CA THR E 94 17.85 18.21 37.40
C THR E 94 17.84 16.76 36.82
N VAL E 95 17.16 16.53 35.70
CA VAL E 95 17.10 15.19 35.13
C VAL E 95 17.38 15.08 33.62
N LYS E 96 18.16 14.06 33.27
CA LYS E 96 18.46 13.75 31.87
C LYS E 96 17.67 12.49 31.55
N VAL E 97 16.78 12.54 30.58
CA VAL E 97 16.01 11.36 30.27
C VAL E 97 16.08 11.06 28.77
N LEU E 98 16.25 9.80 28.43
CA LEU E 98 16.33 9.36 27.05
C LEU E 98 15.03 8.67 26.65
N VAL E 99 14.34 9.22 25.66
CA VAL E 99 13.07 8.64 25.21
C VAL E 99 13.05 8.23 23.75
N GLU E 100 12.17 7.28 23.44
CA GLU E 100 11.96 6.81 22.09
C GLU E 100 10.49 6.94 21.74
N GLY E 101 10.16 7.67 20.69
CA GLY E 101 8.75 7.82 20.35
C GLY E 101 8.28 6.50 19.73
N LEU E 102 7.10 6.03 20.14
CA LEU E 102 6.57 4.76 19.62
C LEU E 102 5.41 4.99 18.64
N GLN E 103 4.34 5.70 19.06
CA GLN E 103 3.27 6.02 18.11
C GLN E 103 2.32 7.11 18.60
N ARG E 104 1.69 7.81 17.66
CA ARG E 104 0.74 8.87 18.00
C ARG E 104 -0.44 8.29 18.76
N ALA E 105 -1.03 9.15 19.60
CA ALA E 105 -2.18 8.85 20.42
C ALA E 105 -2.93 10.18 20.51
N ARG E 106 -4.25 10.11 20.72
CA ARG E 106 -5.06 11.33 20.85
C ARG E 106 -5.40 11.29 22.33
N ILE E 107 -5.37 12.43 23.03
CA ILE E 107 -5.74 12.37 24.41
C ILE E 107 -7.07 13.02 24.69
N SER E 108 -7.77 12.45 25.66
CA SER E 108 -9.05 12.94 26.11
C SER E 108 -8.90 12.94 27.63
N ALA E 109 -9.77 13.69 28.29
CA ALA E 109 -9.69 13.78 29.73
C ALA E 109 -8.30 14.17 30.20
N LEU E 110 -7.78 15.29 29.72
CA LEU E 110 -6.46 15.76 30.14
C LEU E 110 -6.60 16.35 31.56
N SER E 111 -5.84 15.85 32.53
CA SER E 111 -6.01 16.40 33.85
C SER E 111 -4.73 16.81 34.55
N ASP E 112 -4.88 17.53 35.65
CA ASP E 112 -3.76 18.01 36.46
C ASP E 112 -4.12 17.98 37.93
N ASN E 113 -3.68 16.95 38.64
CA ASN E 113 -3.97 16.83 40.09
C ASN E 113 -3.04 17.71 40.88
N GLY E 114 -2.23 18.51 40.21
CA GLY E 114 -1.27 19.35 40.90
C GLY E 114 0.11 18.68 40.90
N GLU E 115 0.13 17.35 40.91
CA GLU E 115 1.41 16.63 40.91
C GLU E 115 2.03 16.46 39.49
N HIS E 116 1.20 16.27 38.47
CA HIS E 116 1.66 16.18 37.07
C HIS E 116 0.45 15.96 36.14
N PHE E 117 0.56 16.38 34.87
CA PHE E 117 -0.51 16.16 33.94
C PHE E 117 -0.70 14.69 33.71
N SER E 118 -1.93 14.31 33.43
CA SER E 118 -2.26 12.92 33.14
C SER E 118 -3.39 12.88 32.14
N ALA E 119 -3.50 11.78 31.40
CA ALA E 119 -4.56 11.69 30.41
C ALA E 119 -4.95 10.27 30.04
N LYS E 120 -6.09 10.17 29.39
CA LYS E 120 -6.58 8.91 28.88
C LYS E 120 -6.22 9.07 27.43
N ALA E 121 -5.65 8.04 26.82
CA ALA E 121 -5.25 8.19 25.42
C ALA E 121 -5.59 7.02 24.53
N GLU E 122 -5.77 7.29 23.26
CA GLU E 122 -6.10 6.25 22.31
C GLU E 122 -5.12 6.29 21.18
N TYR E 123 -4.41 5.18 21.01
CA TYR E 123 -3.43 5.09 19.95
C TYR E 123 -4.03 5.43 18.58
N LEU E 124 -3.33 6.25 17.82
CA LEU E 124 -3.85 6.60 16.53
C LEU E 124 -3.42 5.47 15.62
N ARG F 15 36.02 38.08 23.49
CA ARG F 15 34.58 37.68 23.68
C ARG F 15 33.78 38.16 22.49
N ILE F 16 32.53 37.75 22.40
CA ILE F 16 31.66 38.21 21.31
C ILE F 16 30.28 38.57 21.84
N GLU F 17 29.57 39.39 21.07
CA GLU F 17 28.23 39.77 21.45
C GLU F 17 27.34 38.86 20.62
N ILE F 18 26.30 38.26 21.21
CA ILE F 18 25.48 37.34 20.39
C ILE F 18 24.11 37.19 21.02
N PRO F 19 23.05 37.04 20.22
CA PRO F 19 21.72 36.87 20.81
C PRO F 19 21.61 35.53 21.55
N VAL F 20 20.83 35.51 22.64
CA VAL F 20 20.66 34.31 23.47
C VAL F 20 19.26 33.77 23.37
N LEU F 21 19.13 32.45 23.20
CA LEU F 21 17.80 31.81 23.12
C LEU F 21 17.76 30.80 24.24
N PRO F 22 16.93 31.04 25.27
CA PRO F 22 16.89 30.06 26.36
C PRO F 22 16.10 28.82 25.92
N LEU F 23 16.58 27.66 26.31
CA LEU F 23 15.92 26.38 25.98
C LEU F 23 15.67 25.66 27.27
N ARG F 24 14.52 25.03 27.34
CA ARG F 24 14.10 24.28 28.53
C ARG F 24 14.25 22.75 28.42
N ASP F 25 13.97 22.23 27.22
CA ASP F 25 13.90 20.79 27.07
C ASP F 25 15.03 19.97 26.50
N VAL F 26 16.01 20.61 25.86
CA VAL F 26 17.13 19.85 25.29
C VAL F 26 18.41 20.62 25.43
N VAL F 27 19.50 19.89 25.47
CA VAL F 27 20.82 20.45 25.56
C VAL F 27 21.45 20.19 24.19
N VAL F 28 21.68 21.24 23.42
CA VAL F 28 22.26 21.05 22.07
C VAL F 28 23.78 21.19 22.13
N TYR F 29 24.48 20.22 21.55
CA TYR F 29 25.96 20.22 21.52
C TYR F 29 26.51 20.45 20.12
N PRO F 30 27.80 20.80 20.04
CA PRO F 30 28.35 21.02 18.70
C PRO F 30 28.10 19.79 17.79
N HIS F 31 27.86 20.05 16.51
CA HIS F 31 27.64 19.07 15.45
C HIS F 31 26.24 18.52 15.44
N MET F 32 25.46 18.75 16.49
CA MET F 32 24.08 18.30 16.42
C MET F 32 23.23 19.20 15.53
N VAL F 33 22.32 18.60 14.77
CA VAL F 33 21.39 19.38 14.02
C VAL F 33 20.01 19.03 14.59
N ILE F 34 19.18 20.02 14.84
CA ILE F 34 17.86 19.71 15.41
C ILE F 34 16.82 20.79 15.12
N PRO F 35 15.54 20.44 15.01
CA PRO F 35 14.47 21.42 14.75
C PRO F 35 14.01 21.98 16.09
N LEU F 36 14.11 23.30 16.28
CA LEU F 36 13.60 23.89 17.55
C LEU F 36 12.34 24.68 17.22
N PHE F 37 11.35 24.62 18.11
CA PHE F 37 10.11 25.33 17.91
C PHE F 37 10.16 26.50 18.89
N VAL F 38 9.93 27.71 18.36
CA VAL F 38 10.02 28.89 19.20
C VAL F 38 8.77 29.72 18.98
N GLY F 39 8.04 29.93 20.07
CA GLY F 39 6.82 30.72 20.03
C GLY F 39 6.85 32.03 20.78
N ARG F 40 7.73 32.18 21.77
CA ARG F 40 7.81 33.43 22.52
C ARG F 40 8.26 34.56 21.60
N GLU F 41 7.51 35.68 21.57
CA GLU F 41 7.86 36.84 20.73
C GLU F 41 9.29 37.28 20.93
N LYS F 42 9.68 37.39 22.19
CA LYS F 42 11.02 37.82 22.53
C LYS F 42 12.07 36.85 21.96
N SER F 43 11.76 35.54 21.99
CA SER F 43 12.70 34.54 21.46
C SER F 43 12.76 34.61 19.92
N ILE F 44 11.63 34.91 19.29
CA ILE F 44 11.60 35.09 17.84
C ILE F 44 12.48 36.33 17.49
N ARG F 45 12.35 37.40 18.27
CA ARG F 45 13.17 38.59 18.00
C ARG F 45 14.62 38.18 18.15
N CYS F 46 14.87 37.24 19.05
CA CYS F 46 16.22 36.76 19.25
C CYS F 46 16.68 36.12 17.97
N LEU F 47 15.83 35.29 17.36
CA LEU F 47 16.23 34.65 16.12
C LEU F 47 16.44 35.66 15.00
N GLU F 48 15.51 36.60 14.87
CA GLU F 48 15.60 37.59 13.81
C GLU F 48 16.84 38.45 13.87
N ALA F 49 17.27 38.80 15.09
CA ALA F 49 18.50 39.57 15.26
C ALA F 49 19.65 38.74 14.70
N ALA F 50 19.70 37.45 15.06
CA ALA F 50 20.78 36.60 14.55
C ALA F 50 20.76 36.58 13.02
N MET F 51 19.58 36.40 12.46
CA MET F 51 19.47 36.37 11.00
C MET F 51 20.00 37.66 10.32
N ASP F 52 19.83 38.81 10.98
CA ASP F 52 20.29 40.09 10.40
C ASP F 52 21.80 40.30 10.52
N HIS F 53 22.49 39.28 11.00
CA HIS F 53 23.93 39.35 11.16
C HIS F 53 24.50 38.08 10.47
N ASP F 54 25.21 37.28 11.24
CA ASP F 54 25.83 36.06 10.73
C ASP F 54 25.02 34.76 10.99
N LYS F 55 23.79 34.92 11.47
CA LYS F 55 22.92 33.78 11.78
C LYS F 55 23.36 32.92 12.97
N LYS F 56 24.22 33.45 13.84
CA LYS F 56 24.61 32.69 15.02
C LYS F 56 23.83 33.09 16.26
N ILE F 57 23.37 32.11 17.02
CA ILE F 57 22.65 32.39 18.26
C ILE F 57 23.30 31.47 19.30
N MET F 58 23.24 31.93 20.54
CA MET F 58 23.80 31.23 21.66
C MET F 58 22.64 30.44 22.27
N LEU F 59 22.79 29.13 22.29
CA LEU F 59 21.77 28.29 22.86
C LEU F 59 22.22 27.99 24.28
N VAL F 60 21.35 28.27 25.24
CA VAL F 60 21.62 28.08 26.66
C VAL F 60 20.41 27.50 27.39
N ALA F 61 20.66 26.53 28.25
CA ALA F 61 19.63 25.89 29.02
C ALA F 61 19.17 26.79 30.16
N GLN F 62 17.90 26.74 30.52
CA GLN F 62 17.47 27.58 31.65
C GLN F 62 17.06 26.75 32.87
N LYS F 63 17.19 27.34 34.05
CA LYS F 63 16.84 26.68 35.30
C LYS F 63 15.38 27.03 35.65
N GLU F 64 14.71 26.20 36.46
CA GLU F 64 13.34 26.53 36.85
C GLU F 64 13.46 27.75 37.73
N ALA F 65 12.83 28.83 37.31
CA ALA F 65 12.86 30.07 38.05
C ALA F 65 11.44 30.45 38.38
N SER F 66 11.28 31.47 39.22
CA SER F 66 9.96 31.96 39.61
C SER F 66 9.41 32.88 38.51
N THR F 67 10.31 33.41 37.71
CA THR F 67 10.00 34.33 36.63
C THR F 67 10.20 33.60 35.30
N ASP F 68 9.25 33.71 34.37
CA ASP F 68 9.43 33.00 33.10
C ASP F 68 10.33 33.74 32.12
N GLU F 69 10.91 34.84 32.61
CA GLU F 69 11.84 35.65 31.83
C GLU F 69 13.12 35.53 32.63
N PRO F 70 13.89 34.48 32.38
CA PRO F 70 15.15 34.19 33.06
C PRO F 70 16.12 35.34 33.29
N GLY F 71 16.72 35.34 34.47
CA GLY F 71 17.73 36.32 34.78
C GLY F 71 19.04 35.56 34.55
N VAL F 72 20.16 36.29 34.59
CA VAL F 72 21.46 35.66 34.40
C VAL F 72 21.66 34.45 35.31
N ASN F 73 21.12 34.52 36.52
CA ASN F 73 21.26 33.40 37.44
C ASN F 73 20.31 32.22 37.11
N ASP F 74 19.38 32.44 36.17
CA ASP F 74 18.45 31.39 35.74
C ASP F 74 18.95 30.76 34.46
N LEU F 75 20.15 31.13 34.02
CA LEU F 75 20.67 30.54 32.80
C LEU F 75 21.97 29.89 33.11
N PHE F 76 22.19 28.67 32.58
CA PHE F 76 23.47 28.03 32.81
C PHE F 76 24.49 28.97 32.17
N THR F 77 25.76 28.87 32.54
CA THR F 77 26.71 29.79 31.95
C THR F 77 27.36 29.23 30.70
N VAL F 78 27.24 27.92 30.50
CA VAL F 78 27.84 27.37 29.29
C VAL F 78 26.74 26.89 28.36
N GLY F 79 26.86 27.20 27.06
CA GLY F 79 25.88 26.78 26.09
C GLY F 79 26.61 26.48 24.81
N THR F 80 25.89 26.52 23.72
CA THR F 80 26.46 26.26 22.42
C THR F 80 26.04 27.30 21.45
N VAL F 81 27.00 27.83 20.73
CA VAL F 81 26.72 28.83 19.70
C VAL F 81 26.29 27.93 18.51
N ALA F 82 25.16 28.23 17.91
CA ALA F 82 24.63 27.46 16.82
C ALA F 82 24.38 28.38 15.66
N SER F 83 24.27 27.78 14.49
CA SER F 83 23.97 28.49 13.29
C SER F 83 22.55 28.15 12.85
N ILE F 84 21.81 29.15 12.41
CA ILE F 84 20.44 28.94 11.96
C ILE F 84 20.52 28.49 10.51
N LEU F 85 20.08 27.27 10.26
CA LEU F 85 20.11 26.72 8.91
C LEU F 85 18.82 27.05 8.17
N GLN F 86 17.72 27.20 8.92
CA GLN F 86 16.45 27.48 8.27
C GLN F 86 15.42 27.97 9.28
N MET F 87 14.58 28.91 8.85
CA MET F 87 13.54 29.44 9.72
C MET F 87 12.26 29.32 8.96
N LEU F 88 11.30 28.59 9.52
CA LEU F 88 10.04 28.35 8.84
C LEU F 88 8.89 28.87 9.69
N LYS F 89 8.01 29.66 9.12
CA LYS F 89 6.89 30.17 9.89
C LYS F 89 5.84 29.11 9.95
N LEU F 90 5.18 28.99 11.08
CA LEU F 90 4.11 28.02 11.23
C LEU F 90 2.75 28.76 11.32
N PRO F 91 1.68 28.12 10.84
CA PRO F 91 0.31 28.61 10.81
C PRO F 91 -0.22 29.17 12.13
N ASP F 92 0.39 28.78 13.26
CA ASP F 92 -0.08 29.28 14.55
C ASP F 92 0.65 30.49 15.05
N GLY F 93 1.47 31.08 14.20
CA GLY F 93 2.15 32.29 14.63
C GLY F 93 3.49 32.04 15.28
N THR F 94 3.95 30.80 15.24
CA THR F 94 5.22 30.43 15.84
C THR F 94 6.21 30.05 14.74
N VAL F 95 7.44 29.80 15.13
CA VAL F 95 8.48 29.50 14.17
C VAL F 95 9.15 28.14 14.42
N LYS F 96 9.52 27.44 13.36
CA LYS F 96 10.27 26.21 13.58
C LYS F 96 11.64 26.53 12.96
N VAL F 97 12.69 26.47 13.77
CA VAL F 97 14.00 26.80 13.31
C VAL F 97 14.96 25.63 13.39
N LEU F 98 15.63 25.38 12.29
CA LEU F 98 16.60 24.32 12.16
C LEU F 98 17.94 24.84 12.59
N VAL F 99 18.55 24.28 13.61
CA VAL F 99 19.88 24.76 13.99
C VAL F 99 20.99 23.68 13.96
N GLU F 100 22.24 24.12 13.86
CA GLU F 100 23.41 23.23 13.90
C GLU F 100 24.34 23.75 14.98
N GLY F 101 24.63 22.92 15.98
CA GLY F 101 25.53 23.35 17.05
C GLY F 101 26.90 23.49 16.41
N LEU F 102 27.63 24.54 16.80
CA LEU F 102 28.97 24.80 16.27
C LEU F 102 30.07 24.65 17.25
N GLN F 103 29.92 25.31 18.39
CA GLN F 103 30.99 25.31 19.38
C GLN F 103 30.44 25.75 20.75
N ARG F 104 30.99 25.18 21.81
CA ARG F 104 30.57 25.50 23.17
C ARG F 104 31.11 26.90 23.45
N ALA F 105 30.42 27.63 24.32
CA ALA F 105 30.85 28.99 24.69
C ALA F 105 30.31 29.27 26.07
N ARG F 106 31.00 30.14 26.79
CA ARG F 106 30.61 30.54 28.14
C ARG F 106 30.04 31.97 28.05
N ILE F 107 28.91 32.23 28.68
CA ILE F 107 28.35 33.58 28.61
C ILE F 107 28.73 34.25 29.92
N SER F 108 29.23 35.48 29.84
CA SER F 108 29.66 36.18 31.05
C SER F 108 28.72 37.32 31.42
N ALA F 109 27.86 37.75 30.51
CA ALA F 109 26.94 38.84 30.81
C ALA F 109 25.64 38.62 30.06
N LEU F 110 24.53 38.89 30.72
CA LEU F 110 23.26 38.72 30.09
C LEU F 110 22.69 40.14 30.05
N SER F 111 22.15 40.56 28.92
CA SER F 111 21.58 41.89 28.84
C SER F 111 20.27 41.86 28.08
N ASP F 112 19.23 42.50 28.64
CA ASP F 112 17.94 42.53 28.00
C ASP F 112 17.73 43.87 27.33
N ASN F 113 18.13 43.98 26.08
CA ASN F 113 17.99 45.22 25.33
C ASN F 113 16.51 45.45 24.98
N GLY F 114 15.62 45.06 25.90
CA GLY F 114 14.19 45.22 25.70
C GLY F 114 13.55 44.47 24.56
N GLU F 115 14.37 44.01 23.62
CA GLU F 115 13.91 43.29 22.46
C GLU F 115 14.18 41.77 22.60
N HIS F 116 15.35 41.42 23.13
CA HIS F 116 15.72 40.02 23.28
C HIS F 116 17.01 39.94 24.07
N PHE F 117 17.28 38.77 24.65
CA PHE F 117 18.49 38.59 25.43
C PHE F 117 19.72 38.64 24.57
N SER F 118 20.79 39.09 25.20
CA SER F 118 22.04 39.20 24.51
C SER F 118 23.14 38.82 25.50
N ALA F 119 24.27 38.33 25.00
CA ALA F 119 25.31 37.96 25.92
C ALA F 119 26.67 38.15 25.35
N LYS F 120 27.64 38.33 26.26
CA LYS F 120 29.05 38.41 25.89
C LYS F 120 29.43 36.97 26.10
N ALA F 121 30.07 36.36 25.11
CA ALA F 121 30.39 34.97 25.28
C ALA F 121 31.82 34.68 24.89
N GLU F 122 32.35 33.62 25.48
CA GLU F 122 33.73 33.20 25.24
C GLU F 122 33.73 31.80 24.67
N TYR F 123 34.27 31.65 23.47
CA TYR F 123 34.35 30.34 22.83
C TYR F 123 35.14 29.34 23.63
N LEU F 124 34.53 28.17 23.81
CA LEU F 124 35.08 27.04 24.56
C LEU F 124 34.94 27.31 26.08
N ARG G 15 2.95 10.72 -8.35
CA ARG G 15 4.10 9.86 -8.77
C ARG G 15 5.27 10.77 -9.12
N ILE G 16 6.48 10.32 -8.89
CA ILE G 16 7.63 11.16 -9.18
C ILE G 16 8.70 10.22 -9.64
N GLU G 17 9.76 10.77 -10.18
CA GLU G 17 10.93 9.99 -10.57
C GLU G 17 11.98 10.63 -9.66
N ILE G 18 12.74 9.83 -8.93
CA ILE G 18 13.68 10.36 -7.96
C ILE G 18 14.90 9.46 -7.69
N PRO G 19 16.04 10.06 -7.44
CA PRO G 19 17.28 9.35 -7.15
C PRO G 19 17.08 8.55 -5.86
N VAL G 20 17.64 7.35 -5.78
CA VAL G 20 17.50 6.51 -4.59
C VAL G 20 18.85 6.31 -3.90
N LEU G 21 18.94 6.72 -2.63
CA LEU G 21 20.16 6.57 -1.83
C LEU G 21 19.95 5.42 -0.83
N PRO G 22 20.74 4.33 -0.91
CA PRO G 22 20.51 3.26 0.07
C PRO G 22 21.12 3.60 1.41
N LEU G 23 20.49 3.18 2.51
CA LEU G 23 21.11 3.46 3.83
C LEU G 23 21.28 2.16 4.59
N ARG G 24 22.47 1.96 5.14
CA ARG G 24 22.79 0.76 5.90
C ARG G 24 22.80 0.91 7.39
N ASP G 25 23.42 1.97 7.91
CA ASP G 25 23.59 2.12 9.34
C ASP G 25 22.42 2.68 10.11
N VAL G 26 21.62 3.51 9.45
CA VAL G 26 20.52 4.15 10.14
C VAL G 26 19.28 4.11 9.32
N VAL G 27 18.15 4.32 10.02
CA VAL G 27 16.84 4.41 9.42
C VAL G 27 16.31 5.86 9.57
N VAL G 28 15.83 6.43 8.47
CA VAL G 28 15.35 7.79 8.46
C VAL G 28 13.85 7.86 8.12
N TYR G 29 13.07 8.41 9.02
CA TYR G 29 11.62 8.57 8.85
C TYR G 29 11.19 10.03 8.68
N PRO G 30 9.92 10.24 8.30
CA PRO G 30 9.45 11.61 8.15
C PRO G 30 9.67 12.44 9.42
N HIS G 31 10.04 13.70 9.23
CA HIS G 31 10.29 14.68 10.32
C HIS G 31 11.67 14.59 10.90
N MET G 32 12.40 13.48 10.64
CA MET G 32 13.75 13.39 11.16
C MET G 32 14.70 14.25 10.35
N VAL G 33 15.57 14.99 11.03
CA VAL G 33 16.55 15.79 10.33
C VAL G 33 17.88 15.16 10.73
N ILE G 34 18.71 14.82 9.75
CA ILE G 34 19.93 14.16 10.13
C ILE G 34 21.09 14.43 9.16
N PRO G 35 22.31 14.54 9.68
CA PRO G 35 23.47 14.77 8.80
C PRO G 35 23.94 13.38 8.31
N LEU G 36 24.05 13.16 7.00
CA LEU G 36 24.53 11.88 6.46
C LEU G 36 25.88 12.10 5.81
N PHE G 37 26.75 11.10 5.94
CA PHE G 37 28.11 11.16 5.35
C PHE G 37 28.05 10.19 4.17
N VAL G 38 28.46 10.64 2.99
CA VAL G 38 28.41 9.77 1.82
C VAL G 38 29.78 9.73 1.20
N GLY G 39 30.36 8.53 1.22
CA GLY G 39 31.69 8.36 0.69
C GLY G 39 31.84 7.40 -0.48
N ARG G 40 30.76 6.89 -1.05
CA ARG G 40 30.94 6.02 -2.21
C ARG G 40 30.51 6.81 -3.43
N GLU G 41 31.28 6.70 -4.51
CA GLU G 41 31.02 7.43 -5.76
C GLU G 41 29.61 7.35 -6.29
N LYS G 42 29.07 6.14 -6.33
CA LYS G 42 27.72 5.98 -6.83
C LYS G 42 26.70 6.78 -6.00
N SER G 43 26.82 6.74 -4.69
CA SER G 43 25.90 7.43 -3.82
C SER G 43 26.13 8.93 -3.95
N ILE G 44 27.38 9.32 -4.20
CA ILE G 44 27.65 10.75 -4.37
C ILE G 44 26.95 11.21 -5.66
N ARG G 45 26.98 10.40 -6.73
CA ARG G 45 26.32 10.81 -7.98
C ARG G 45 24.83 10.90 -7.74
N CYS G 46 24.33 10.03 -6.88
CA CYS G 46 22.92 10.06 -6.54
C CYS G 46 22.58 11.46 -5.96
N LEU G 47 23.37 11.91 -5.00
CA LEU G 47 23.18 13.22 -4.39
C LEU G 47 23.31 14.36 -5.46
N GLU G 48 24.30 14.26 -6.35
CA GLU G 48 24.50 15.29 -7.38
C GLU G 48 23.32 15.36 -8.36
N ALA G 49 22.75 14.20 -8.68
CA ALA G 49 21.58 14.14 -9.52
C ALA G 49 20.40 14.84 -8.79
N ALA G 50 20.24 14.59 -7.49
CA ALA G 50 19.13 15.23 -6.76
C ALA G 50 19.32 16.74 -6.74
N MET G 51 20.56 17.18 -6.57
CA MET G 51 20.84 18.62 -6.54
C MET G 51 20.62 19.30 -7.91
N ASP G 52 20.40 18.51 -8.96
CA ASP G 52 20.13 19.05 -10.30
C ASP G 52 18.63 19.00 -10.60
N HIS G 53 17.93 18.15 -9.86
CA HIS G 53 16.49 17.97 -9.99
C HIS G 53 15.96 18.97 -8.97
N ASP G 54 15.14 18.53 -8.03
CA ASP G 54 14.57 19.44 -7.04
C ASP G 54 15.11 19.24 -5.61
N LYS G 55 16.34 18.76 -5.51
CA LYS G 55 16.99 18.52 -4.23
C LYS G 55 16.29 17.50 -3.32
N LYS G 56 15.51 16.59 -3.90
CA LYS G 56 14.89 15.55 -3.09
C LYS G 56 15.51 14.18 -3.42
N ILE G 57 15.65 13.30 -2.44
CA ILE G 57 16.19 11.95 -2.66
C ILE G 57 15.30 11.00 -1.89
N MET G 58 15.20 9.77 -2.36
CA MET G 58 14.43 8.78 -1.64
C MET G 58 15.43 7.88 -0.92
N LEU G 59 15.25 7.76 0.38
CA LEU G 59 16.14 7.02 1.26
C LEU G 59 15.53 5.66 1.45
N VAL G 60 16.27 4.60 1.16
CA VAL G 60 15.74 3.25 1.35
C VAL G 60 16.69 2.32 2.08
N ALA G 61 16.11 1.44 2.90
CA ALA G 61 16.92 0.50 3.66
C ALA G 61 17.31 -0.60 2.67
N GLN G 62 18.31 -1.39 3.04
CA GLN G 62 18.80 -2.47 2.19
C GLN G 62 18.27 -3.75 2.77
N LYS G 63 17.95 -4.72 1.92
CA LYS G 63 17.46 -6.03 2.38
C LYS G 63 18.64 -6.83 2.88
N GLU G 64 19.77 -6.66 2.20
CA GLU G 64 21.00 -7.34 2.53
C GLU G 64 21.89 -6.30 3.19
N ALA G 65 22.02 -6.36 4.50
CA ALA G 65 22.84 -5.39 5.19
C ALA G 65 24.33 -5.75 5.16
N SER G 66 24.67 -6.94 4.66
CA SER G 66 26.07 -7.37 4.60
C SER G 66 26.87 -6.82 3.42
N THR G 67 26.20 -6.21 2.46
CA THR G 67 26.93 -5.65 1.30
C THR G 67 26.88 -4.15 1.26
N ASP G 68 27.95 -3.55 0.73
CA ASP G 68 27.98 -2.12 0.56
C ASP G 68 27.79 -1.77 -0.93
N GLU G 69 27.59 -2.82 -1.73
CA GLU G 69 27.32 -2.67 -3.16
C GLU G 69 26.01 -3.39 -3.43
N PRO G 70 24.90 -2.86 -2.91
CA PRO G 70 23.64 -3.55 -3.18
C PRO G 70 23.30 -3.43 -4.65
N GLY G 71 22.53 -4.39 -5.14
CA GLY G 71 22.05 -4.33 -6.50
C GLY G 71 20.58 -3.98 -6.35
N VAL G 72 19.90 -3.69 -7.46
CA VAL G 72 18.51 -3.33 -7.36
C VAL G 72 17.67 -4.29 -6.54
N ASN G 73 18.02 -5.58 -6.52
CA ASN G 73 17.21 -6.51 -5.71
C ASN G 73 17.56 -6.50 -4.25
N ASP G 74 18.59 -5.76 -3.87
CA ASP G 74 18.99 -5.72 -2.48
C ASP G 74 18.34 -4.57 -1.69
N LEU G 75 17.51 -3.79 -2.38
CA LEU G 75 16.84 -2.66 -1.76
C LEU G 75 15.37 -2.83 -1.47
N PHE G 76 14.93 -2.18 -0.38
CA PHE G 76 13.51 -2.24 -0.06
C PHE G 76 12.76 -1.38 -1.08
N THR G 77 11.46 -1.60 -1.24
CA THR G 77 10.72 -0.86 -2.23
C THR G 77 9.76 0.14 -1.63
N VAL G 78 10.05 0.54 -0.39
CA VAL G 78 9.31 1.57 0.31
C VAL G 78 10.40 2.41 1.01
N GLY G 79 10.23 3.73 1.11
CA GLY G 79 11.25 4.52 1.78
C GLY G 79 10.79 5.91 2.17
N THR G 80 11.75 6.74 2.55
CA THR G 80 11.45 8.10 2.96
C THR G 80 11.96 9.12 1.95
N VAL G 81 11.05 9.86 1.36
CA VAL G 81 11.49 10.91 0.44
C VAL G 81 11.98 12.06 1.36
N ALA G 82 13.20 12.52 1.14
CA ALA G 82 13.84 13.56 1.94
C ALA G 82 14.40 14.72 1.09
N SER G 83 14.40 15.94 1.64
CA SER G 83 14.94 17.10 0.94
C SER G 83 16.36 17.32 1.46
N ILE G 84 17.27 17.63 0.55
CA ILE G 84 18.64 17.92 0.94
C ILE G 84 18.59 19.43 1.29
N LEU G 85 18.90 19.75 2.53
CA LEU G 85 18.92 21.11 3.05
C LEU G 85 20.29 21.74 2.86
N GLN G 86 21.33 20.91 2.89
CA GLN G 86 22.70 21.38 2.76
C GLN G 86 23.60 20.26 2.24
N MET G 87 24.54 20.63 1.38
CA MET G 87 25.46 19.67 0.81
C MET G 87 26.84 20.26 0.74
N LEU G 88 27.82 19.59 1.33
CA LEU G 88 29.15 20.12 1.26
C LEU G 88 30.18 19.03 0.94
N LYS G 89 30.97 19.31 -0.09
CA LYS G 89 31.96 18.38 -0.55
C LYS G 89 33.26 18.66 0.20
N LEU G 90 33.69 17.65 0.96
CA LEU G 90 34.88 17.74 1.77
C LEU G 90 36.16 17.30 1.00
N PRO G 91 37.33 17.77 1.47
CA PRO G 91 38.63 17.46 0.89
C PRO G 91 39.06 15.96 1.03
N ASP G 92 38.41 15.20 1.90
CA ASP G 92 38.74 13.78 2.05
C ASP G 92 37.92 12.95 1.07
N GLY G 93 37.28 13.61 0.11
CA GLY G 93 36.52 12.86 -0.86
C GLY G 93 35.11 12.44 -0.47
N THR G 94 34.66 12.84 0.71
CA THR G 94 33.31 12.52 1.13
C THR G 94 32.39 13.76 0.98
N VAL G 95 31.10 13.54 1.14
CA VAL G 95 30.13 14.59 1.05
C VAL G 95 29.29 14.47 2.32
N LYS G 96 29.04 15.61 2.96
CA LYS G 96 28.25 15.68 4.18
C LYS G 96 26.99 16.27 3.63
N VAL G 97 25.88 15.58 3.82
CA VAL G 97 24.63 16.10 3.32
C VAL G 97 23.58 16.11 4.42
N LEU G 98 22.97 17.26 4.66
CA LEU G 98 21.96 17.37 5.70
C LEU G 98 20.58 17.11 5.07
N VAL G 99 19.83 16.12 5.58
CA VAL G 99 18.54 15.83 5.01
C VAL G 99 17.40 15.86 5.99
N GLU G 100 16.21 16.18 5.50
CA GLU G 100 15.04 16.19 6.35
C GLU G 100 14.04 15.22 5.74
N GLY G 101 13.68 14.19 6.49
CA GLY G 101 12.70 13.26 5.96
C GLY G 101 11.39 14.01 5.83
N LEU G 102 10.71 13.82 4.70
CA LEU G 102 9.44 14.47 4.43
C LEU G 102 8.19 13.57 4.52
N GLN G 103 8.16 12.50 3.73
CA GLN G 103 6.98 11.62 3.64
C GLN G 103 7.39 10.21 3.10
N ARG G 104 6.67 9.16 3.49
CA ARG G 104 6.97 7.83 2.99
C ARG G 104 6.46 7.74 1.56
N ALA G 105 6.97 6.76 0.83
CA ALA G 105 6.59 6.55 -0.56
C ALA G 105 6.89 5.12 -0.94
N ARG G 106 6.19 4.63 -1.96
CA ARG G 106 6.40 3.27 -2.46
C ARG G 106 7.09 3.43 -3.81
N ILE G 107 7.84 2.40 -4.15
CA ILE G 107 8.57 2.34 -5.41
C ILE G 107 7.78 1.42 -6.36
N SER G 108 7.41 1.95 -7.51
CA SER G 108 6.67 1.19 -8.49
C SER G 108 7.68 0.59 -9.48
N ALA G 109 8.82 1.25 -9.64
CA ALA G 109 9.90 0.79 -10.53
C ALA G 109 11.26 1.23 -10.01
N LEU G 110 12.20 0.30 -9.91
CA LEU G 110 13.55 0.59 -9.43
C LEU G 110 14.55 0.25 -10.53
N SER G 111 15.46 1.17 -10.84
CA SER G 111 16.47 0.93 -11.86
C SER G 111 17.84 1.48 -11.46
N ASP G 112 18.84 0.97 -12.16
CA ASP G 112 20.22 1.36 -11.98
C ASP G 112 20.73 1.67 -13.37
N ASN G 113 20.76 2.95 -13.72
CA ASN G 113 21.21 3.42 -15.03
C ASN G 113 22.72 3.47 -15.08
N GLY G 114 23.36 2.76 -14.15
CA GLY G 114 24.81 2.76 -14.11
C GLY G 114 25.38 3.90 -13.27
N GLU G 115 24.80 5.09 -13.43
CA GLU G 115 25.27 6.22 -12.66
C GLU G 115 24.81 6.15 -11.19
N HIS G 116 23.53 5.80 -10.95
CA HIS G 116 22.98 5.71 -9.59
C HIS G 116 21.63 5.06 -9.64
N PHE G 117 21.09 4.70 -8.49
CA PHE G 117 19.77 4.08 -8.47
C PHE G 117 18.72 5.16 -8.68
N SER G 118 17.65 4.84 -9.43
CA SER G 118 16.55 5.78 -9.65
C SER G 118 15.24 5.04 -9.50
N ALA G 119 14.21 5.72 -9.01
CA ALA G 119 12.93 5.07 -8.84
C ALA G 119 11.79 5.88 -9.41
N LYS G 120 10.73 5.17 -9.75
CA LYS G 120 9.51 5.80 -10.15
C LYS G 120 8.85 5.53 -8.81
N ALA G 121 8.36 6.58 -8.15
CA ALA G 121 7.77 6.39 -6.82
C ALA G 121 6.42 7.06 -6.66
N GLU G 122 5.71 6.64 -5.64
CA GLU G 122 4.38 7.17 -5.34
C GLU G 122 4.29 7.50 -3.86
N TYR G 123 3.90 8.72 -3.50
CA TYR G 123 3.79 9.07 -2.07
C TYR G 123 2.68 8.28 -1.43
N LEU G 124 2.87 7.94 -0.16
CA LEU G 124 1.88 7.19 0.61
C LEU G 124 1.21 8.13 1.62
N ARG H 15 47.69 1.45 25.57
CA ARG H 15 47.71 0.02 26.06
C ARG H 15 46.35 -0.69 25.88
N ILE H 16 45.29 0.07 25.65
CA ILE H 16 44.00 -0.56 25.51
C ILE H 16 43.43 -0.60 24.09
N GLU H 17 43.04 -1.79 23.68
CA GLU H 17 42.46 -1.97 22.38
C GLU H 17 40.95 -1.86 22.45
N ILE H 18 40.41 -1.01 21.61
CA ILE H 18 38.97 -0.82 21.59
C ILE H 18 38.39 -1.43 20.34
N PRO H 19 37.33 -2.24 20.48
CA PRO H 19 36.77 -2.83 19.26
C PRO H 19 36.25 -1.71 18.33
N VAL H 20 36.48 -1.87 17.03
CA VAL H 20 36.09 -0.90 16.01
C VAL H 20 34.90 -1.32 15.22
N LEU H 21 33.94 -0.40 15.10
CA LEU H 21 32.73 -0.64 14.32
C LEU H 21 32.84 0.29 13.11
N PRO H 22 33.02 -0.25 11.90
CA PRO H 22 33.14 0.60 10.70
C PRO H 22 31.76 1.16 10.36
N LEU H 23 31.71 2.45 10.08
CA LEU H 23 30.43 3.06 9.73
C LEU H 23 30.50 3.62 8.31
N ARG H 24 29.36 3.58 7.63
CA ARG H 24 29.28 4.07 6.28
C ARG H 24 28.48 5.35 6.08
N ASP H 25 27.38 5.48 6.83
CA ASP H 25 26.44 6.59 6.61
C ASP H 25 26.37 7.76 7.54
N VAL H 26 27.00 7.68 8.70
CA VAL H 26 26.95 8.79 9.66
C VAL H 26 28.25 8.89 10.43
N VAL H 27 28.49 10.11 10.93
CA VAL H 27 29.62 10.40 11.81
C VAL H 27 28.97 10.78 13.18
N VAL H 28 29.22 9.98 14.21
CA VAL H 28 28.66 10.21 15.51
C VAL H 28 29.61 11.07 16.35
N TYR H 29 29.13 12.19 16.85
CA TYR H 29 30.02 13.04 17.67
C TYR H 29 29.65 12.90 19.15
N PRO H 30 30.48 13.49 20.04
CA PRO H 30 30.17 13.38 21.45
C PRO H 30 28.78 13.87 21.79
N HIS H 31 28.14 13.20 22.74
CA HIS H 31 26.78 13.53 23.20
C HIS H 31 25.67 13.14 22.26
N MET H 32 26.01 12.74 21.05
CA MET H 32 24.94 12.31 20.17
C MET H 32 24.52 10.90 20.57
N VAL H 33 23.23 10.60 20.47
CA VAL H 33 22.69 9.26 20.76
C VAL H 33 22.00 8.80 19.48
N ILE H 34 22.31 7.58 19.05
CA ILE H 34 21.67 7.10 17.83
C ILE H 34 21.56 5.56 17.74
N PRO H 35 20.46 5.05 17.14
CA PRO H 35 20.34 3.60 17.01
C PRO H 35 21.02 3.26 15.66
N LEU H 36 21.94 2.30 15.70
CA LEU H 36 22.65 1.87 14.52
C LEU H 36 22.20 0.43 14.24
N PHE H 37 22.16 0.06 12.97
CA PHE H 37 21.74 -1.28 12.56
C PHE H 37 23.00 -1.95 11.97
N VAL H 38 23.37 -3.07 12.56
CA VAL H 38 24.60 -3.78 12.21
C VAL H 38 24.19 -5.18 11.78
N GLY H 39 24.51 -5.49 10.54
CA GLY H 39 24.16 -6.78 9.94
C GLY H 39 25.35 -7.60 9.51
N ARG H 40 26.57 -7.08 9.68
CA ARG H 40 27.76 -7.82 9.32
C ARG H 40 28.27 -8.58 10.57
N GLU H 41 28.51 -9.88 10.40
CA GLU H 41 28.97 -10.75 11.48
C GLU H 41 30.20 -10.27 12.20
N LYS H 42 31.16 -9.77 11.45
CA LYS H 42 32.37 -9.30 12.07
C LYS H 42 32.02 -8.10 12.96
N SER H 43 31.21 -7.20 12.44
CA SER H 43 30.84 -6.02 13.21
C SER H 43 30.10 -6.45 14.51
N ILE H 44 29.20 -7.43 14.41
CA ILE H 44 28.51 -7.93 15.61
C ILE H 44 29.51 -8.51 16.60
N ARG H 45 30.53 -9.21 16.11
CA ARG H 45 31.57 -9.71 17.03
C ARG H 45 32.24 -8.52 17.74
N CYS H 46 32.47 -7.43 17.02
CA CYS H 46 33.10 -6.27 17.68
C CYS H 46 32.17 -5.85 18.85
N LEU H 47 30.89 -5.75 18.55
CA LEU H 47 29.91 -5.34 19.56
C LEU H 47 29.94 -6.32 20.75
N GLU H 48 29.99 -7.61 20.43
CA GLU H 48 29.96 -8.65 21.46
C GLU H 48 31.18 -8.47 22.35
N ALA H 49 32.30 -8.15 21.75
CA ALA H 49 33.53 -7.98 22.55
C ALA H 49 33.40 -6.80 23.49
N ALA H 50 32.83 -5.70 23.00
CA ALA H 50 32.70 -4.56 23.89
C ALA H 50 31.80 -4.92 25.08
N MET H 51 30.74 -5.68 24.81
CA MET H 51 29.76 -6.07 25.84
C MET H 51 30.42 -6.94 26.93
N ASP H 52 31.50 -7.63 26.58
CA ASP H 52 32.18 -8.50 27.54
C ASP H 52 33.18 -7.77 28.32
N HIS H 53 33.17 -6.44 28.18
CA HIS H 53 34.17 -5.70 28.87
C HIS H 53 33.74 -4.39 29.49
N ASP H 54 33.51 -3.50 28.54
CA ASP H 54 33.27 -2.08 28.71
C ASP H 54 32.02 -1.42 28.15
N LYS H 55 31.42 -2.08 27.16
CA LYS H 55 30.34 -1.52 26.35
C LYS H 55 30.94 -0.37 25.51
N LYS H 56 32.27 -0.22 25.51
CA LYS H 56 32.86 0.85 24.69
C LYS H 56 33.39 0.36 23.33
N ILE H 57 33.04 1.11 22.29
CA ILE H 57 33.47 0.86 20.92
C ILE H 57 34.01 2.11 20.24
N MET H 58 34.79 1.89 19.20
CA MET H 58 35.35 3.01 18.44
C MET H 58 34.64 3.04 17.09
N LEU H 59 33.88 4.11 16.85
CA LEU H 59 33.12 4.28 15.61
C LEU H 59 34.11 4.94 14.61
N VAL H 60 34.28 4.35 13.45
CA VAL H 60 35.23 4.84 12.44
C VAL H 60 34.63 4.80 11.06
N ALA H 61 34.78 5.91 10.33
CA ALA H 61 34.26 5.99 8.97
C ALA H 61 35.05 5.03 8.05
N GLN H 62 34.37 4.41 7.08
CA GLN H 62 35.04 3.52 6.13
C GLN H 62 35.17 4.27 4.79
N LYS H 63 36.25 3.98 4.08
CA LYS H 63 36.49 4.53 2.74
C LYS H 63 35.87 3.51 1.82
N GLU H 64 35.56 3.92 0.59
CA GLU H 64 34.97 3.03 -0.39
C GLU H 64 36.07 2.01 -0.72
N ALA H 65 35.86 0.75 -0.34
CA ALA H 65 36.88 -0.27 -0.56
C ALA H 65 36.70 -0.95 -1.88
N SER H 66 37.80 -1.52 -2.39
CA SER H 66 37.79 -2.24 -3.67
C SER H 66 37.11 -3.58 -3.53
N THR H 67 37.14 -4.13 -2.33
CA THR H 67 36.50 -5.39 -2.04
C THR H 67 35.28 -4.94 -1.25
N ASP H 68 34.37 -5.85 -0.93
CA ASP H 68 33.20 -5.46 -0.16
C ASP H 68 33.49 -5.68 1.32
N GLU H 69 34.59 -6.35 1.57
CA GLU H 69 35.05 -6.64 2.91
C GLU H 69 36.24 -5.73 3.15
N PRO H 70 36.03 -4.60 3.85
CA PRO H 70 37.14 -3.66 4.12
C PRO H 70 38.30 -4.23 4.93
N GLY H 71 39.48 -3.68 4.73
CA GLY H 71 40.65 -4.12 5.47
C GLY H 71 41.05 -2.93 6.29
N VAL H 72 42.04 -3.07 7.16
CA VAL H 72 42.48 -1.93 7.99
C VAL H 72 42.79 -0.68 7.15
N ASN H 73 43.27 -0.88 5.93
CA ASN H 73 43.63 0.23 5.04
C ASN H 73 42.40 0.95 4.47
N ASP H 74 41.22 0.41 4.71
CA ASP H 74 40.01 1.05 4.22
C ASP H 74 39.29 1.92 5.29
N LEU H 75 39.96 2.21 6.39
CA LEU H 75 39.33 2.96 7.47
C LEU H 75 40.03 4.23 7.75
N PHE H 76 39.27 5.25 8.18
CA PHE H 76 39.87 6.52 8.56
C PHE H 76 40.67 6.23 9.82
N THR H 77 41.55 7.17 10.23
CA THR H 77 42.38 6.93 11.40
C THR H 77 41.99 7.85 12.53
N VAL H 78 40.74 8.28 12.47
CA VAL H 78 40.21 9.10 13.54
C VAL H 78 38.82 8.46 13.78
N GLY H 79 38.28 8.57 14.99
CA GLY H 79 36.98 7.97 15.23
C GLY H 79 36.31 8.54 16.47
N THR H 80 35.17 7.96 16.84
CA THR H 80 34.47 8.37 18.03
C THR H 80 34.31 7.23 19.01
N VAL H 81 34.87 7.39 20.21
CA VAL H 81 34.72 6.37 21.24
C VAL H 81 33.26 6.56 21.71
N ALA H 82 32.51 5.47 21.78
CA ALA H 82 31.10 5.54 22.13
C ALA H 82 30.75 4.42 23.11
N SER H 83 29.65 4.57 23.87
CA SER H 83 29.20 3.51 24.79
C SER H 83 27.95 2.89 24.18
N ILE H 84 27.82 1.57 24.31
CA ILE H 84 26.64 0.88 23.81
C ILE H 84 25.66 1.02 24.95
N LEU H 85 24.52 1.67 24.72
CA LEU H 85 23.52 1.82 25.78
C LEU H 85 22.60 0.63 25.80
N GLN H 86 22.27 0.09 24.63
CA GLN H 86 21.35 -1.07 24.53
C GLN H 86 21.66 -1.80 23.27
N MET H 87 21.45 -3.11 23.27
CA MET H 87 21.70 -3.91 22.10
C MET H 87 20.56 -4.91 22.00
N LEU H 88 19.90 -4.92 20.86
CA LEU H 88 18.79 -5.81 20.65
C LEU H 88 19.10 -6.71 19.47
N LYS H 89 19.01 -8.02 19.67
CA LYS H 89 19.24 -8.95 18.58
C LYS H 89 17.90 -9.09 17.86
N LEU H 90 17.87 -8.84 16.55
CA LEU H 90 16.63 -8.95 15.81
C LEU H 90 16.36 -10.39 15.34
N PRO H 91 15.11 -10.70 14.99
CA PRO H 91 14.85 -12.07 14.54
C PRO H 91 15.71 -12.54 13.38
N ASP H 92 15.97 -11.67 12.40
CA ASP H 92 16.80 -12.06 11.26
C ASP H 92 18.28 -12.24 11.59
N GLY H 93 18.64 -12.11 12.87
CA GLY H 93 20.03 -12.29 13.23
C GLY H 93 20.85 -11.00 13.29
N THR H 94 20.31 -9.96 12.70
CA THR H 94 20.90 -8.62 12.68
C THR H 94 20.72 -7.93 14.07
N VAL H 95 21.45 -6.83 14.31
CA VAL H 95 21.37 -6.12 15.59
C VAL H 95 21.03 -4.63 15.43
N LYS H 96 20.37 -4.10 16.44
CA LYS H 96 20.04 -2.68 16.52
C LYS H 96 20.76 -2.32 17.80
N VAL H 97 21.73 -1.44 17.71
CA VAL H 97 22.45 -1.09 18.91
C VAL H 97 22.40 0.42 19.12
N LEU H 98 21.95 0.84 20.30
CA LEU H 98 21.83 2.24 20.62
C LEU H 98 23.14 2.74 21.18
N VAL H 99 23.74 3.76 20.55
CA VAL H 99 25.00 4.26 21.06
C VAL H 99 24.99 5.72 21.43
N GLU H 100 25.92 6.08 22.31
CA GLU H 100 26.14 7.47 22.73
C GLU H 100 27.61 7.82 22.48
N GLY H 101 27.85 8.83 21.66
CA GLY H 101 29.21 9.24 21.38
C GLY H 101 29.79 9.83 22.66
N LEU H 102 31.04 9.52 22.95
CA LEU H 102 31.67 10.04 24.17
C LEU H 102 32.80 11.01 23.84
N GLN H 103 33.68 10.63 22.93
CA GLN H 103 34.83 11.47 22.62
C GLN H 103 35.49 11.12 21.29
N ARG H 104 35.94 12.14 20.53
CA ARG H 104 36.61 11.90 19.25
C ARG H 104 38.06 11.59 19.59
N ALA H 105 38.73 10.80 18.75
CA ALA H 105 40.11 10.44 19.02
C ALA H 105 40.82 9.95 17.77
N ARG H 106 42.11 10.24 17.69
CA ARG H 106 42.93 9.75 16.59
C ARG H 106 43.27 8.31 16.97
N ILE H 107 43.40 7.46 15.98
CA ILE H 107 43.73 6.04 16.18
C ILE H 107 45.23 5.87 15.92
N SER H 108 46.00 5.46 16.91
CA SER H 108 47.44 5.31 16.68
C SER H 108 47.72 4.03 15.95
N ALA H 109 46.92 2.98 16.23
CA ALA H 109 47.12 1.70 15.57
C ALA H 109 45.78 1.06 15.37
N LEU H 110 45.62 0.46 14.20
CA LEU H 110 44.40 -0.21 13.81
C LEU H 110 44.73 -1.64 13.44
N SER H 111 44.01 -2.63 13.98
CA SER H 111 44.31 -4.02 13.65
C SER H 111 43.08 -4.91 13.47
N ASP H 112 43.29 -6.10 12.89
CA ASP H 112 42.22 -7.05 12.67
C ASP H 112 42.64 -8.37 13.30
N ASN H 113 42.26 -8.59 14.55
CA ASN H 113 42.65 -9.81 15.22
C ASN H 113 41.89 -11.05 14.77
N GLY H 114 41.63 -11.13 13.46
CA GLY H 114 40.94 -12.26 12.90
C GLY H 114 39.48 -12.42 13.33
N GLU H 115 39.04 -11.61 14.30
CA GLU H 115 37.65 -11.70 14.77
C GLU H 115 36.92 -10.40 14.40
N HIS H 116 37.55 -9.28 14.73
CA HIS H 116 36.98 -7.95 14.45
C HIS H 116 38.14 -6.99 14.47
N PHE H 117 37.90 -5.77 14.01
CA PHE H 117 38.92 -4.73 14.02
C PHE H 117 39.10 -4.19 15.43
N SER H 118 40.29 -3.68 15.70
CA SER H 118 40.56 -3.09 16.98
C SER H 118 41.45 -1.87 16.78
N ALA H 119 41.35 -0.92 17.70
CA ALA H 119 42.12 0.30 17.59
C ALA H 119 42.70 0.78 18.93
N LYS H 120 43.88 1.39 18.86
CA LYS H 120 44.50 1.96 20.03
C LYS H 120 44.17 3.43 19.83
N ALA H 121 43.49 4.00 20.81
CA ALA H 121 43.07 5.38 20.76
C ALA H 121 44.03 6.36 21.42
N GLU H 122 44.10 7.54 20.80
CA GLU H 122 44.89 8.63 21.26
C GLU H 122 43.82 9.55 21.85
N TYR H 123 43.42 9.29 23.09
CA TYR H 123 42.40 10.08 23.74
C TYR H 123 42.71 11.57 23.68
#